data_1UWR
#
_entry.id   1UWR
#
_cell.length_a   168.059
_cell.length_b   168.059
_cell.length_c   95.773
_cell.angle_alpha   90.00
_cell.angle_beta   90.00
_cell.angle_gamma   120.00
#
_symmetry.space_group_name_H-M   'P 31 2 1'
#
loop_
_entity.id
_entity.type
_entity.pdbx_description
1 polymer BETA-GALACTOSIDASE
2 non-polymer 2-deoxy-2-fluoro-alpha-D-galactopyranose
3 non-polymer 'ACETATE ION'
4 water water
#
_entity_poly.entity_id   1
_entity_poly.type   'polypeptide(L)'
_entity_poly.pdbx_seq_one_letter_code
;MYSFPNSFRFGWSQAGFQSEMGTPGSEDPNTDWYKWVHDPENMAAGLVSGDLPENGPGYWGNYKTFHDNAQKMGLKIARL
NVEWSRIFPNPLPRPQNFDESKQDVTEVEINENELKRLDEYANKDALNHYREIFKDLKSRGLYFILNMYHWPLPLWLHDP
IRVRRGDFTGPSGWLSTRTVYEFARFSAYIAWKFDDLVDEYSTMNEPNVVGGLGYVGVKSGFPPGYLSFELSRRAMYNII
QAHARAYDGIKSVSKKPVGIIYANSSFQPLTDKDMEAVEMAENDNRWWFFDAIIRGEITRGNEKIVRDDLKGRLDWIGVN
YYTRTVVKRTEKGYVSLGGYGHGCERNSVSLAGLPTSDFGWEFFPEGLYDVLTKYWNRYHLYMYVTENGIADDADYQRPY
YLVSHVYQVHRAINSGADVRGYLHWSLADNYEWASGFSMRFGLLKVDYNTKRLYWRPSALVYREIATNGAITDEIEHLNS
VPPVKPLRH
;
_entity_poly.pdbx_strand_id   A,B
#
loop_
_chem_comp.id
_chem_comp.type
_chem_comp.name
_chem_comp.formula
ACT non-polymer 'ACETATE ION' 'C2 H3 O2 -1'
GAF D-saccharide, alpha linking 2-deoxy-2-fluoro-alpha-D-galactopyranose 'C6 H11 F O5'
#
# COMPACT_ATOMS: atom_id res chain seq x y z
N MET A 1 -29.93 5.13 12.89
CA MET A 1 -29.98 5.66 14.28
C MET A 1 -29.39 4.61 15.20
N TYR A 2 -28.49 5.03 16.08
CA TYR A 2 -28.06 4.20 17.20
C TYR A 2 -28.19 5.04 18.45
N SER A 3 -29.20 4.70 19.24
CA SER A 3 -29.60 5.49 20.38
C SER A 3 -29.00 4.93 21.66
N PHE A 4 -28.62 5.81 22.57
CA PHE A 4 -28.09 5.36 23.84
C PHE A 4 -29.15 5.56 24.91
N PRO A 5 -29.08 4.80 26.00
CA PRO A 5 -29.94 5.08 27.18
C PRO A 5 -29.95 6.57 27.53
N ASN A 6 -31.02 7.03 28.19
CA ASN A 6 -31.17 8.45 28.54
C ASN A 6 -30.18 8.89 29.62
N SER A 7 -29.60 7.91 30.29
CA SER A 7 -28.68 8.14 31.40
C SER A 7 -27.20 8.04 30.97
N PHE A 8 -26.95 7.62 29.73
CA PHE A 8 -25.59 7.45 29.21
C PHE A 8 -24.99 8.82 28.98
N ARG A 9 -23.72 8.98 29.30
CA ARG A 9 -23.08 10.29 29.10
C ARG A 9 -21.91 10.23 28.15
N PHE A 10 -21.82 11.25 27.31
CA PHE A 10 -20.68 11.48 26.46
C PHE A 10 -19.84 12.61 27.03
N GLY A 11 -18.52 12.40 27.06
CA GLY A 11 -17.61 13.44 27.53
C GLY A 11 -16.18 13.23 27.09
N TRP A 12 -15.26 13.49 28.01
CA TRP A 12 -13.83 13.45 27.74
C TRP A 12 -13.02 13.19 29.00
N SER A 13 -11.80 12.71 28.78
CA SER A 13 -10.79 12.55 29.82
C SER A 13 -9.57 13.42 29.52
N GLN A 14 -8.85 13.81 30.58
CA GLN A 14 -7.71 14.71 30.52
C GLN A 14 -6.80 14.41 31.72
N ALA A 15 -5.50 14.71 31.62
CA ALA A 15 -4.55 14.46 32.70
C ALA A 15 -3.87 15.77 33.12
N GLY A 16 -3.58 15.91 34.42
CA GLY A 16 -3.03 17.18 34.92
C GLY A 16 -1.73 17.62 34.24
N PHE A 17 -0.79 16.70 34.19
CA PHE A 17 0.55 16.96 33.69
C PHE A 17 0.54 17.29 32.20
N GLN A 18 -0.37 16.64 31.45
CA GLN A 18 -0.43 16.78 30.00
C GLN A 18 -1.06 18.08 29.61
N SER A 19 -1.97 18.59 30.43
CA SER A 19 -2.81 19.71 30.00
C SER A 19 -2.71 20.98 30.86
N GLU A 20 -2.33 20.85 32.13
CA GLU A 20 -2.36 22.03 33.03
C GLU A 20 -1.42 23.15 32.63
N MET A 21 -0.13 22.84 32.42
CA MET A 21 0.87 23.91 32.25
C MET A 21 0.77 24.58 30.88
N GLY A 22 1.24 25.83 30.82
CA GLY A 22 1.34 26.59 29.60
C GLY A 22 1.05 28.06 29.84
N THR A 23 0.23 28.36 30.85
CA THR A 23 -0.11 29.73 31.24
C THR A 23 0.80 30.24 32.39
N PRO A 24 1.04 31.54 32.45
CA PRO A 24 1.94 32.11 33.46
C PRO A 24 1.55 31.66 34.87
N GLY A 25 2.49 31.13 35.64
CA GLY A 25 2.23 30.77 37.02
C GLY A 25 1.68 29.38 37.22
N SER A 26 1.59 28.59 36.15
CA SER A 26 1.01 27.24 36.22
C SER A 26 2.08 26.18 36.47
N GLU A 27 3.35 26.57 36.41
CA GLU A 27 4.42 25.58 36.41
C GLU A 27 4.48 24.68 37.68
N ASP A 28 4.72 23.38 37.46
CA ASP A 28 4.85 22.45 38.55
C ASP A 28 6.08 21.64 38.27
N PRO A 29 7.22 22.12 38.79
CA PRO A 29 8.51 21.43 38.59
C PRO A 29 8.76 20.26 39.51
N ASN A 30 7.83 19.91 40.40
CA ASN A 30 8.16 18.96 41.47
C ASN A 30 7.75 17.50 41.30
N THR A 31 7.77 17.01 40.07
CA THR A 31 7.50 15.59 39.81
C THR A 31 8.66 14.84 39.21
N ASP A 32 8.64 13.53 39.35
CA ASP A 32 9.57 12.69 38.61
C ASP A 32 9.48 12.96 37.09
N TRP A 33 8.26 13.08 36.58
CA TRP A 33 8.07 13.28 35.14
C TRP A 33 8.66 14.59 34.65
N TYR A 34 8.49 15.64 35.43
CA TYR A 34 9.04 16.95 35.08
C TYR A 34 10.55 16.84 34.98
N LYS A 35 11.16 16.19 35.97
CA LYS A 35 12.61 16.12 36.00
C LYS A 35 13.07 15.26 34.82
N TRP A 36 12.33 14.17 34.61
CA TRP A 36 12.60 13.18 33.58
C TRP A 36 12.67 13.80 32.19
N VAL A 37 11.74 14.67 31.88
CA VAL A 37 11.69 15.25 30.52
C VAL A 37 12.64 16.43 30.30
N HIS A 38 13.12 17.05 31.39
CA HIS A 38 14.14 18.11 31.32
C HIS A 38 15.55 17.57 31.39
N ASP A 39 15.69 16.27 31.61
CA ASP A 39 17.02 15.71 31.81
C ASP A 39 17.89 15.74 30.54
N PRO A 40 19.07 16.36 30.63
CA PRO A 40 20.00 16.46 29.49
C PRO A 40 20.42 15.11 28.86
N GLU A 41 20.69 14.11 29.70
CA GLU A 41 21.09 12.80 29.18
C GLU A 41 19.87 12.14 28.49
N ASN A 42 18.68 12.24 29.07
CA ASN A 42 17.49 11.68 28.42
C ASN A 42 17.22 12.33 27.04
N MET A 43 17.42 13.64 26.98
CA MET A 43 17.31 14.39 25.76
C MET A 43 18.32 13.96 24.71
N ALA A 44 19.60 13.83 25.11
CA ALA A 44 20.64 13.47 24.16
C ALA A 44 20.44 12.06 23.61
N ALA A 45 19.90 11.17 24.44
CA ALA A 45 19.60 9.79 24.04
C ALA A 45 18.33 9.69 23.16
N GLY A 46 17.56 10.77 23.07
CA GLY A 46 16.29 10.74 22.39
C GLY A 46 15.25 9.92 23.11
N LEU A 47 15.45 9.66 24.40
CA LEU A 47 14.42 9.00 25.21
C LEU A 47 13.20 9.89 25.38
N VAL A 48 13.43 11.20 25.46
CA VAL A 48 12.35 12.16 25.53
C VAL A 48 12.50 13.10 24.33
N SER A 49 11.42 13.76 23.92
CA SER A 49 11.43 14.55 22.67
C SER A 49 12.21 15.88 22.73
N GLY A 50 12.34 16.46 23.92
CA GLY A 50 12.93 17.79 24.05
C GLY A 50 11.84 18.84 24.19
N ASP A 51 10.57 18.48 23.90
CA ASP A 51 9.45 19.38 24.22
C ASP A 51 9.27 19.38 25.74
N LEU A 52 8.81 20.50 26.27
CA LEU A 52 8.67 20.65 27.71
C LEU A 52 7.20 20.96 28.08
N PRO A 53 6.68 20.34 29.14
CA PRO A 53 5.25 20.50 29.48
C PRO A 53 4.87 21.92 29.85
N GLU A 54 5.82 22.73 30.31
CA GLU A 54 5.50 24.10 30.69
C GLU A 54 5.15 24.94 29.47
N ASN A 55 5.33 24.41 28.26
CA ASN A 55 4.85 25.17 27.07
C ASN A 55 3.53 24.61 26.52
N GLY A 56 2.76 24.00 27.42
CA GLY A 56 1.57 23.25 27.05
C GLY A 56 0.31 24.05 26.81
N PRO A 57 -0.84 23.37 26.81
CA PRO A 57 -2.11 24.02 26.44
C PRO A 57 -2.69 24.95 27.48
N GLY A 58 -2.16 24.92 28.70
CA GLY A 58 -2.58 25.87 29.71
C GLY A 58 -3.97 25.74 30.30
N TYR A 59 -4.42 24.53 30.54
CA TYR A 59 -5.68 24.34 31.25
C TYR A 59 -5.72 25.03 32.67
N TRP A 60 -4.57 25.08 33.35
CA TRP A 60 -4.51 25.72 34.69
C TRP A 60 -5.07 27.12 34.66
N GLY A 61 -4.65 27.92 33.69
CA GLY A 61 -5.25 29.23 33.54
C GLY A 61 -6.46 29.37 32.62
N ASN A 62 -6.63 28.46 31.66
CA ASN A 62 -7.68 28.63 30.66
C ASN A 62 -8.85 27.67 30.76
N TYR A 63 -8.93 26.95 31.87
CA TYR A 63 -9.97 25.95 32.09
C TYR A 63 -11.41 26.37 31.78
N LYS A 64 -11.73 27.67 31.90
CA LYS A 64 -13.07 28.19 31.62
C LYS A 64 -13.44 28.14 30.15
N THR A 65 -12.48 28.49 29.28
CA THR A 65 -12.54 28.25 27.84
C THR A 65 -12.71 26.75 27.42
N PHE A 66 -11.97 25.85 28.07
CA PHE A 66 -12.09 24.43 27.78
C PHE A 66 -13.52 24.03 28.09
N HIS A 67 -14.01 24.48 29.24
CA HIS A 67 -15.30 24.03 29.75
C HIS A 67 -16.41 24.61 28.87
N ASP A 68 -16.18 25.83 28.39
CA ASP A 68 -17.08 26.56 27.51
C ASP A 68 -17.32 25.75 26.22
N ASN A 69 -16.23 25.23 25.66
CA ASN A 69 -16.27 24.48 24.42
C ASN A 69 -16.87 23.12 24.59
N ALA A 70 -16.53 22.48 25.71
CA ALA A 70 -17.12 21.19 26.06
C ALA A 70 -18.65 21.27 26.24
N GLN A 71 -19.14 22.38 26.79
CA GLN A 71 -20.58 22.59 26.95
C GLN A 71 -21.25 22.89 25.59
N LYS A 72 -20.62 23.74 24.78
CA LYS A 72 -21.04 23.98 23.41
C LYS A 72 -21.20 22.65 22.62
N MET A 73 -20.36 21.69 22.95
CA MET A 73 -20.25 20.43 22.24
C MET A 73 -21.20 19.43 22.85
N GLY A 74 -21.90 19.85 23.92
CA GLY A 74 -22.95 19.02 24.50
C GLY A 74 -22.48 17.92 25.40
N LEU A 75 -21.23 18.00 25.85
CA LEU A 75 -20.65 16.98 26.73
C LEU A 75 -21.27 17.05 28.13
N LYS A 76 -21.33 15.91 28.81
CA LYS A 76 -22.06 15.82 30.08
C LYS A 76 -21.27 15.06 31.16
N ILE A 77 -20.05 14.65 30.83
CA ILE A 77 -19.17 13.97 31.79
C ILE A 77 -17.69 14.34 31.52
N ALA A 78 -16.88 14.36 32.58
CA ALA A 78 -15.46 14.68 32.44
C ALA A 78 -14.72 13.88 33.48
N ARG A 79 -13.54 13.42 33.10
CA ARG A 79 -12.71 12.78 34.08
C ARG A 79 -11.32 13.43 34.03
N LEU A 80 -10.92 13.95 35.19
CA LEU A 80 -9.71 14.76 35.39
C LEU A 80 -8.97 14.14 36.57
N ASN A 81 -7.67 14.43 36.73
CA ASN A 81 -6.98 14.11 37.98
C ASN A 81 -6.48 15.36 38.72
N VAL A 82 -6.29 15.23 40.03
CA VAL A 82 -5.49 16.21 40.78
C VAL A 82 -4.01 15.76 40.73
N GLU A 83 -3.10 16.70 40.53
CA GLU A 83 -1.69 16.35 40.61
C GLU A 83 -1.18 16.40 42.08
N TRP A 84 -0.85 15.21 42.58
CA TRP A 84 -0.30 14.94 43.89
C TRP A 84 0.79 15.96 44.29
N SER A 85 1.72 16.18 43.35
CA SER A 85 2.83 17.10 43.52
C SER A 85 2.40 18.54 43.76
N ARG A 86 1.27 18.96 43.20
CA ARG A 86 0.83 20.33 43.42
C ARG A 86 0.28 20.48 44.85
N ILE A 87 -0.23 19.39 45.41
CA ILE A 87 -0.84 19.41 46.73
C ILE A 87 0.20 19.22 47.83
N PHE A 88 1.12 18.28 47.62
CA PHE A 88 2.21 18.05 48.55
C PHE A 88 3.58 18.16 47.89
N PRO A 89 4.00 19.39 47.56
CA PRO A 89 5.30 19.59 46.90
C PRO A 89 6.51 19.27 47.78
N ASN A 90 6.32 19.26 49.09
CA ASN A 90 7.38 18.97 50.06
C ASN A 90 7.11 17.65 50.80
N PRO A 91 8.14 17.02 51.36
CA PRO A 91 7.92 15.72 51.97
C PRO A 91 7.06 15.83 53.22
N LEU A 92 6.36 14.76 53.54
CA LEU A 92 5.64 14.67 54.81
C LEU A 92 6.48 13.90 55.82
N PRO A 93 6.21 14.11 57.11
CA PRO A 93 6.94 13.41 58.19
C PRO A 93 6.90 11.91 58.01
N ARG A 94 8.02 11.19 58.25
CA ARG A 94 8.05 9.72 58.17
C ARG A 94 6.98 9.26 59.15
N PRO A 95 6.11 8.33 58.74
CA PRO A 95 4.91 8.05 59.53
C PRO A 95 5.10 7.15 60.77
N GLN A 96 4.15 7.28 61.70
CA GLN A 96 4.09 6.41 62.88
C GLN A 96 3.56 5.01 62.51
N ASN A 97 4.02 4.00 63.26
CA ASN A 97 3.59 2.62 63.06
C ASN A 97 3.77 2.16 61.60
N PHE A 98 5.01 2.14 61.12
CA PHE A 98 5.30 1.76 59.75
C PHE A 98 6.69 1.14 59.56
N ASP A 99 6.67 -0.12 59.14
CA ASP A 99 7.87 -0.89 58.91
C ASP A 99 8.16 -0.98 57.40
N GLU A 100 9.17 -0.25 56.94
CA GLU A 100 9.50 -0.14 55.51
C GLU A 100 9.94 -1.46 54.87
N SER A 101 10.34 -2.42 55.69
CA SER A 101 10.85 -3.72 55.22
C SER A 101 9.75 -4.75 54.94
N LYS A 102 8.54 -4.50 55.44
CA LYS A 102 7.38 -5.38 55.21
C LYS A 102 6.90 -5.28 53.75
N GLN A 103 6.82 -6.45 53.10
CA GLN A 103 6.33 -6.59 51.72
C GLN A 103 4.89 -6.13 51.55
N ASP A 104 4.03 -6.53 52.49
CA ASP A 104 2.61 -6.26 52.41
C ASP A 104 2.20 -5.02 53.19
N VAL A 105 1.28 -4.24 52.62
CA VAL A 105 0.60 -3.16 53.29
C VAL A 105 -0.88 -3.56 53.29
N THR A 106 -1.33 -4.17 54.39
CA THR A 106 -2.71 -4.67 54.51
C THR A 106 -3.65 -3.61 55.06
N GLU A 107 -3.09 -2.63 55.76
CA GLU A 107 -3.90 -1.57 56.35
C GLU A 107 -3.12 -0.28 56.45
N VAL A 108 -3.84 0.83 56.29
CA VAL A 108 -3.31 2.16 56.54
C VAL A 108 -4.42 2.89 57.26
N GLU A 109 -4.20 3.14 58.56
CA GLU A 109 -5.20 3.82 59.35
C GLU A 109 -5.20 5.31 59.10
N ILE A 110 -6.35 5.83 58.71
CA ILE A 110 -6.51 7.26 58.53
C ILE A 110 -7.76 7.64 59.28
N ASN A 111 -7.65 8.68 60.10
CA ASN A 111 -8.78 9.20 60.85
C ASN A 111 -8.84 10.69 60.68
N GLU A 112 -9.89 11.29 61.24
CA GLU A 112 -10.08 12.72 61.11
C GLU A 112 -8.90 13.54 61.62
N ASN A 113 -8.29 13.11 62.72
CA ASN A 113 -7.12 13.79 63.30
C ASN A 113 -5.92 13.77 62.35
N GLU A 114 -5.59 12.58 61.82
CA GLU A 114 -4.56 12.42 60.80
C GLU A 114 -4.82 13.31 59.58
N LEU A 115 -6.08 13.36 59.11
CA LEU A 115 -6.45 14.22 57.98
C LEU A 115 -6.21 15.69 58.25
N LYS A 116 -6.54 16.11 59.46
CA LYS A 116 -6.33 17.50 59.88
C LYS A 116 -4.83 17.83 59.96
N ARG A 117 -3.99 16.87 60.36
CA ARG A 117 -2.52 17.05 60.33
C ARG A 117 -1.99 17.24 58.91
N LEU A 118 -2.45 16.39 58.00
CA LEU A 118 -2.05 16.41 56.60
C LEU A 118 -2.39 17.74 55.98
N ASP A 119 -3.57 18.24 56.37
CA ASP A 119 -4.03 19.54 55.91
C ASP A 119 -3.05 20.70 56.20
N GLU A 120 -2.24 20.57 57.26
CA GLU A 120 -1.23 21.58 57.61
C GLU A 120 -0.12 21.67 56.54
N TYR A 121 0.12 20.56 55.85
CA TYR A 121 1.18 20.46 54.87
C TYR A 121 0.77 20.75 53.41
N ALA A 122 -0.53 20.75 53.16
CA ALA A 122 -1.04 20.85 51.79
C ALA A 122 -0.90 22.27 51.28
N ASN A 123 -0.59 22.40 50.00
CA ASN A 123 -0.54 23.72 49.38
C ASN A 123 -1.94 24.29 49.16
N LYS A 124 -2.23 25.42 49.78
CA LYS A 124 -3.58 25.94 49.85
C LYS A 124 -3.98 26.64 48.56
N ASP A 125 -3.02 27.30 47.91
CA ASP A 125 -3.27 27.95 46.63
C ASP A 125 -3.70 26.88 45.61
N ALA A 126 -2.99 25.75 45.58
CA ALA A 126 -3.31 24.65 44.68
C ALA A 126 -4.69 24.11 44.98
N LEU A 127 -4.98 23.89 46.25
CA LEU A 127 -6.25 23.30 46.63
C LEU A 127 -7.40 24.19 46.22
N ASN A 128 -7.26 25.49 46.49
CA ASN A 128 -8.29 26.45 46.14
C ASN A 128 -8.48 26.61 44.62
N HIS A 129 -7.37 26.59 43.87
CA HIS A 129 -7.43 26.64 42.42
C HIS A 129 -8.19 25.44 41.80
N TYR A 130 -7.92 24.24 42.31
CA TYR A 130 -8.60 23.03 41.88
C TYR A 130 -10.10 23.08 42.21
N ARG A 131 -10.44 23.63 43.37
CA ARG A 131 -11.84 23.85 43.73
C ARG A 131 -12.46 24.78 42.71
N GLU A 132 -11.75 25.82 42.31
CA GLU A 132 -12.29 26.78 41.36
C GLU A 132 -12.53 26.12 39.98
N ILE A 133 -11.57 25.31 39.52
CA ILE A 133 -11.71 24.53 38.28
C ILE A 133 -12.95 23.60 38.34
N PHE A 134 -13.01 22.78 39.39
CA PHE A 134 -14.06 21.78 39.53
C PHE A 134 -15.47 22.38 39.74
N LYS A 135 -15.57 23.49 40.45
CA LYS A 135 -16.82 24.21 40.62
C LYS A 135 -17.32 24.66 39.25
N ASP A 136 -16.41 25.22 38.45
CA ASP A 136 -16.76 25.70 37.14
C ASP A 136 -17.19 24.50 36.29
N LEU A 137 -16.55 23.36 36.52
CA LEU A 137 -16.85 22.17 35.75
C LEU A 137 -18.32 21.80 36.00
N LYS A 138 -18.65 21.64 37.28
CA LYS A 138 -19.98 21.26 37.72
C LYS A 138 -21.07 22.25 37.31
N SER A 139 -20.69 23.51 37.22
CA SER A 139 -21.63 24.55 36.81
C SER A 139 -22.07 24.43 35.34
N ARG A 140 -21.32 23.68 34.52
CA ARG A 140 -21.73 23.44 33.12
C ARG A 140 -22.54 22.16 32.98
N GLY A 141 -22.98 21.60 34.10
CA GLY A 141 -23.72 20.35 34.12
C GLY A 141 -22.92 19.09 33.81
N LEU A 142 -21.59 19.17 33.94
CA LEU A 142 -20.77 17.97 33.75
C LEU A 142 -20.72 17.12 35.00
N TYR A 143 -21.01 15.83 34.86
CA TYR A 143 -20.81 14.82 35.89
C TYR A 143 -19.30 14.62 36.01
N PHE A 144 -18.82 14.46 37.25
CA PHE A 144 -17.37 14.53 37.53
C PHE A 144 -16.81 13.22 38.06
N ILE A 145 -15.92 12.61 37.29
CA ILE A 145 -15.16 11.49 37.79
C ILE A 145 -13.77 12.03 38.16
N LEU A 146 -13.40 11.96 39.44
CA LEU A 146 -12.09 12.45 39.89
C LEU A 146 -11.16 11.28 40.05
N ASN A 147 -10.04 11.34 39.34
CA ASN A 147 -9.01 10.32 39.37
C ASN A 147 -7.87 10.82 40.25
N MET A 148 -7.29 9.97 41.09
CA MET A 148 -6.29 10.44 42.06
C MET A 148 -4.87 10.55 41.46
N TYR A 149 -4.55 9.69 40.50
CA TYR A 149 -3.20 9.51 40.00
C TYR A 149 -3.14 9.24 38.48
N HIS A 150 -2.32 10.02 37.77
CA HIS A 150 -2.16 9.84 36.32
C HIS A 150 -0.68 10.00 35.96
N TRP A 151 0.15 9.34 36.76
CA TRP A 151 1.55 8.98 36.47
C TRP A 151 2.66 9.74 37.22
N PRO A 152 2.78 11.07 37.11
CA PRO A 152 3.77 11.81 37.90
C PRO A 152 3.60 11.60 39.43
N LEU A 153 4.69 11.25 40.10
CA LEU A 153 4.84 11.22 41.57
C LEU A 153 5.61 12.46 42.02
N PRO A 154 5.35 12.98 43.22
CA PRO A 154 6.18 14.07 43.77
C PRO A 154 7.63 13.61 43.79
N LEU A 155 8.54 14.50 43.43
CA LEU A 155 9.96 14.15 43.45
C LEU A 155 10.45 13.60 44.80
N TRP A 156 9.89 14.08 45.91
CA TRP A 156 10.30 13.58 47.24
C TRP A 156 9.95 12.11 47.41
N LEU A 157 9.10 11.59 46.50
CA LEU A 157 8.79 10.17 46.54
C LEU A 157 9.52 9.35 45.46
N HIS A 158 10.00 10.03 44.42
CA HIS A 158 10.69 9.35 43.32
C HIS A 158 11.67 10.26 42.58
N ASP A 159 12.95 9.95 42.68
CA ASP A 159 13.95 10.60 41.85
C ASP A 159 14.33 9.61 40.76
N PRO A 160 13.78 9.80 39.56
CA PRO A 160 13.87 8.78 38.51
C PRO A 160 15.25 8.69 37.89
N ILE A 161 16.01 9.78 37.93
CA ILE A 161 17.35 9.78 37.34
C ILE A 161 18.31 8.90 38.15
N ARG A 162 18.22 9.04 39.47
CA ARG A 162 18.96 8.19 40.39
C ARG A 162 18.65 6.71 40.13
N VAL A 163 17.37 6.38 39.99
CA VAL A 163 16.99 4.99 39.77
C VAL A 163 17.43 4.54 38.39
N ARG A 164 17.20 5.37 37.37
CA ARG A 164 17.78 5.11 36.03
C ARG A 164 19.27 4.72 36.08
N ARG A 165 20.03 5.42 36.91
CA ARG A 165 21.47 5.17 37.05
C ARG A 165 21.80 3.92 37.87
N GLY A 166 20.78 3.26 38.39
CA GLY A 166 20.98 2.01 39.13
C GLY A 166 21.27 2.26 40.61
N ASP A 167 20.89 3.44 41.10
CA ASP A 167 21.11 3.85 42.50
C ASP A 167 19.79 3.74 43.24
N PHE A 168 19.67 2.74 44.11
CA PHE A 168 18.41 2.53 44.83
C PHE A 168 18.40 3.08 46.26
N THR A 169 19.32 4.00 46.57
CA THR A 169 19.40 4.53 47.94
C THR A 169 18.47 5.71 48.21
N GLY A 170 17.90 6.28 47.16
CA GLY A 170 17.04 7.44 47.27
C GLY A 170 15.56 7.10 47.15
N PRO A 171 14.72 8.11 46.93
CA PRO A 171 13.27 7.91 46.74
C PRO A 171 13.02 7.12 45.45
N SER A 172 12.39 5.97 45.62
CA SER A 172 12.35 4.95 44.58
C SER A 172 10.95 4.66 43.99
N GLY A 173 10.00 5.55 44.23
CA GLY A 173 8.71 5.53 43.57
C GLY A 173 7.90 4.28 43.91
N TRP A 174 7.35 3.62 42.90
CA TRP A 174 6.53 2.44 43.17
C TRP A 174 7.32 1.23 43.66
N LEU A 175 8.65 1.34 43.72
CA LEU A 175 9.46 0.26 44.33
C LEU A 175 9.42 0.29 45.87
N SER A 176 8.81 1.33 46.44
CA SER A 176 8.83 1.49 47.89
C SER A 176 7.43 1.51 48.48
N THR A 177 7.20 0.69 49.52
CA THR A 177 5.93 0.70 50.28
C THR A 177 5.61 2.06 50.92
N ARG A 178 6.61 2.91 51.10
CA ARG A 178 6.35 4.26 51.56
C ARG A 178 5.40 4.97 50.60
N THR A 179 5.61 4.75 49.30
CA THR A 179 4.80 5.40 48.26
C THR A 179 3.37 4.86 48.36
N VAL A 180 3.24 3.59 48.69
CA VAL A 180 1.92 2.97 48.85
C VAL A 180 1.18 3.63 50.03
N TYR A 181 1.93 3.80 51.12
CA TYR A 181 1.40 4.32 52.36
C TYR A 181 0.89 5.72 52.10
N GLU A 182 1.72 6.53 51.43
CA GLU A 182 1.42 7.94 51.19
C GLU A 182 0.28 8.14 50.19
N PHE A 183 0.24 7.27 49.17
CA PHE A 183 -0.86 7.31 48.20
C PHE A 183 -2.21 7.10 48.84
N ALA A 184 -2.32 6.10 49.70
CA ALA A 184 -3.56 5.88 50.49
C ALA A 184 -3.99 7.15 51.22
N ARG A 185 -3.03 7.78 51.91
CA ARG A 185 -3.32 8.99 52.70
C ARG A 185 -3.73 10.11 51.79
N PHE A 186 -3.00 10.25 50.67
CA PHE A 186 -3.29 11.31 49.70
C PHE A 186 -4.72 11.21 49.16
N SER A 187 -5.13 10.02 48.76
CA SER A 187 -6.48 9.77 48.20
C SER A 187 -7.59 10.02 49.19
N ALA A 188 -7.43 9.50 50.41
CA ALA A 188 -8.40 9.82 51.47
C ALA A 188 -8.46 11.32 51.63
N TYR A 189 -7.30 11.97 51.68
CA TYR A 189 -7.25 13.42 51.86
C TYR A 189 -8.03 14.16 50.77
N ILE A 190 -7.79 13.81 49.50
CA ILE A 190 -8.44 14.52 48.39
C ILE A 190 -9.96 14.29 48.42
N ALA A 191 -10.37 13.06 48.70
CA ALA A 191 -11.79 12.73 48.84
C ALA A 191 -12.41 13.57 49.94
N TRP A 192 -11.69 13.69 51.06
CA TRP A 192 -12.16 14.45 52.22
C TRP A 192 -12.36 15.89 51.83
N LYS A 193 -11.45 16.43 51.01
CA LYS A 193 -11.56 17.83 50.60
C LYS A 193 -12.57 18.09 49.47
N PHE A 194 -12.76 17.13 48.55
CA PHE A 194 -13.52 17.48 47.34
C PHE A 194 -14.87 16.74 47.14
N ASP A 195 -15.22 15.88 48.10
CA ASP A 195 -16.37 14.97 47.96
C ASP A 195 -17.69 15.68 47.63
N ASP A 196 -17.86 16.93 48.04
CA ASP A 196 -19.04 17.70 47.67
C ASP A 196 -19.13 17.97 46.16
N LEU A 197 -18.00 17.85 45.46
CA LEU A 197 -17.96 18.17 44.04
C LEU A 197 -17.88 16.92 43.18
N VAL A 198 -17.50 15.81 43.77
CA VAL A 198 -17.22 14.61 43.00
C VAL A 198 -18.46 13.72 42.86
N ASP A 199 -18.65 13.15 41.68
CA ASP A 199 -19.68 12.11 41.49
C ASP A 199 -19.15 10.71 41.63
N GLU A 200 -18.01 10.41 41.00
CA GLU A 200 -17.40 9.08 41.14
C GLU A 200 -15.86 9.20 41.22
N TYR A 201 -15.20 8.18 41.78
CA TYR A 201 -13.76 8.26 41.95
C TYR A 201 -13.09 7.19 41.13
N SER A 202 -11.92 7.52 40.61
CA SER A 202 -10.93 6.52 40.21
C SER A 202 -9.65 6.68 41.03
N THR A 203 -9.04 5.57 41.44
CA THR A 203 -7.80 5.67 42.20
C THR A 203 -6.65 6.08 41.28
N MET A 204 -6.58 5.41 40.13
CA MET A 204 -5.41 5.36 39.26
C MET A 204 -5.78 5.30 37.78
N ASN A 205 -4.91 5.84 36.94
CA ASN A 205 -5.01 5.72 35.49
C ASN A 205 -3.89 4.82 35.00
N GLU A 206 -4.26 3.71 34.35
CA GLU A 206 -3.29 2.82 33.68
C GLU A 206 -2.05 2.43 34.50
N PRO A 207 -2.22 1.81 35.67
CA PRO A 207 -1.07 1.39 36.46
C PRO A 207 -0.18 0.44 35.69
N ASN A 208 -0.78 -0.38 34.81
CA ASN A 208 -0.01 -1.38 34.04
C ASN A 208 1.00 -0.73 33.07
N VAL A 209 0.68 0.47 32.59
CA VAL A 209 1.61 1.23 31.74
C VAL A 209 2.77 1.78 32.58
N VAL A 210 2.48 2.27 33.78
CA VAL A 210 3.52 2.76 34.71
C VAL A 210 4.59 1.70 35.00
N GLY A 211 4.16 0.53 35.46
CA GLY A 211 5.08 -0.57 35.71
C GLY A 211 5.71 -1.15 34.46
N GLY A 212 4.89 -1.41 33.44
CA GLY A 212 5.35 -1.99 32.18
C GLY A 212 6.37 -1.15 31.41
N LEU A 213 6.01 0.08 31.05
CA LEU A 213 6.95 0.99 30.35
C LEU A 213 8.12 1.48 31.23
N GLY A 214 7.86 1.71 32.52
CA GLY A 214 8.89 2.12 33.47
C GLY A 214 10.07 1.18 33.64
N TYR A 215 9.82 -0.14 33.55
CA TYR A 215 10.79 -1.12 33.98
C TYR A 215 11.03 -2.22 32.95
N VAL A 216 10.24 -2.24 31.88
CA VAL A 216 10.53 -3.22 30.82
C VAL A 216 10.66 -2.54 29.44
N GLY A 217 9.62 -1.86 28.99
CA GLY A 217 9.63 -1.17 27.70
C GLY A 217 10.39 0.15 27.74
N VAL A 218 11.67 0.06 28.04
CA VAL A 218 12.49 1.24 28.32
C VAL A 218 12.75 2.17 27.12
N LYS A 219 12.66 1.64 25.89
CA LYS A 219 12.76 2.51 24.72
C LYS A 219 11.64 3.53 24.65
N SER A 220 10.57 3.32 25.42
CA SER A 220 9.50 4.30 25.44
C SER A 220 9.82 5.59 26.19
N GLY A 221 10.95 5.62 26.90
CA GLY A 221 11.36 6.82 27.62
C GLY A 221 10.39 7.21 28.73
N PHE A 222 9.92 6.20 29.47
CA PHE A 222 9.13 6.43 30.69
C PHE A 222 10.01 6.28 31.94
N PRO A 223 9.76 7.06 32.99
CA PRO A 223 10.61 7.01 34.19
C PRO A 223 10.29 5.75 34.99
N PRO A 224 11.26 5.16 35.69
CA PRO A 224 12.66 5.60 35.73
C PRO A 224 13.52 4.98 34.62
N GLY A 225 12.89 4.24 33.71
CA GLY A 225 13.60 3.58 32.63
C GLY A 225 14.71 2.64 33.08
N TYR A 226 14.44 1.84 34.11
CA TYR A 226 15.44 0.88 34.58
C TYR A 226 14.97 -0.51 34.19
N LEU A 227 15.74 -1.18 33.36
CA LEU A 227 15.30 -2.45 32.76
C LEU A 227 15.43 -3.61 33.78
N SER A 228 14.29 -4.16 34.22
CA SER A 228 14.29 -5.24 35.22
C SER A 228 12.95 -5.94 35.31
N PHE A 229 12.90 -7.21 34.94
CA PHE A 229 11.65 -7.96 35.08
C PHE A 229 11.24 -7.96 36.56
N GLU A 230 12.19 -8.24 37.43
CA GLU A 230 11.97 -8.34 38.88
C GLU A 230 11.40 -7.06 39.46
N LEU A 231 12.00 -5.91 39.10
CA LEU A 231 11.47 -4.63 39.62
C LEU A 231 10.12 -4.23 39.02
N SER A 232 9.83 -4.68 37.79
CA SER A 232 8.50 -4.42 37.23
C SER A 232 7.44 -5.14 38.05
N ARG A 233 7.72 -6.37 38.45
CA ARG A 233 6.78 -7.13 39.27
C ARG A 233 6.56 -6.48 40.63
N ARG A 234 7.67 -6.05 41.24
CA ARG A 234 7.61 -5.37 42.54
C ARG A 234 6.80 -4.09 42.42
N ALA A 235 7.07 -3.28 41.39
CA ALA A 235 6.26 -2.07 41.22
C ALA A 235 4.75 -2.37 41.06
N MET A 236 4.44 -3.40 40.27
CA MET A 236 3.02 -3.75 40.06
C MET A 236 2.37 -4.25 41.36
N TYR A 237 3.09 -5.09 42.09
CA TYR A 237 2.63 -5.58 43.40
C TYR A 237 2.29 -4.39 44.33
N ASN A 238 3.19 -3.42 44.41
CA ASN A 238 2.95 -2.25 45.25
C ASN A 238 1.83 -1.38 44.76
N ILE A 239 1.70 -1.25 43.44
CA ILE A 239 0.63 -0.43 42.88
C ILE A 239 -0.74 -1.08 43.14
N ILE A 240 -0.80 -2.41 43.10
CA ILE A 240 -2.03 -3.13 43.43
C ILE A 240 -2.46 -2.86 44.88
N GLN A 241 -1.55 -3.06 45.82
CA GLN A 241 -1.88 -2.78 47.22
C GLN A 241 -2.13 -1.29 47.49
N ALA A 242 -1.51 -0.41 46.70
CA ALA A 242 -1.82 1.03 46.78
C ALA A 242 -3.24 1.30 46.35
N HIS A 243 -3.68 0.62 45.30
CA HIS A 243 -5.05 0.81 44.85
C HIS A 243 -6.02 0.38 45.99
N ALA A 244 -5.83 -0.81 46.54
CA ALA A 244 -6.68 -1.31 47.63
C ALA A 244 -6.72 -0.34 48.86
N ARG A 245 -5.54 0.13 49.25
CA ARG A 245 -5.40 1.00 50.41
C ARG A 245 -6.06 2.34 50.13
N ALA A 246 -5.94 2.82 48.89
CA ALA A 246 -6.64 4.05 48.47
C ALA A 246 -8.18 3.90 48.43
N TYR A 247 -8.65 2.75 48.00
CA TYR A 247 -10.09 2.50 47.99
C TYR A 247 -10.64 2.58 49.44
N ASP A 248 -10.02 1.86 50.38
CA ASP A 248 -10.38 1.92 51.80
C ASP A 248 -10.31 3.32 52.36
N GLY A 249 -9.23 4.03 52.01
CA GLY A 249 -9.07 5.42 52.40
C GLY A 249 -10.21 6.27 51.91
N ILE A 250 -10.57 6.17 50.63
CA ILE A 250 -11.67 6.99 50.09
C ILE A 250 -12.99 6.59 50.76
N LYS A 251 -13.20 5.28 50.94
CA LYS A 251 -14.44 4.79 51.54
C LYS A 251 -14.59 5.23 53.01
N SER A 252 -13.48 5.59 53.67
CA SER A 252 -13.54 5.99 55.09
C SER A 252 -14.13 7.38 55.21
N VAL A 253 -14.27 8.06 54.08
CA VAL A 253 -14.60 9.48 54.09
C VAL A 253 -15.78 9.78 53.12
N SER A 254 -16.10 8.80 52.27
CA SER A 254 -17.06 8.97 51.18
C SER A 254 -17.90 7.71 50.95
N LYS A 255 -19.16 7.89 50.51
CA LYS A 255 -20.03 6.75 50.14
C LYS A 255 -20.01 6.43 48.62
N LYS A 256 -19.39 7.33 47.85
CA LYS A 256 -19.47 7.30 46.39
C LYS A 256 -18.68 6.15 45.76
N PRO A 257 -19.00 5.83 44.50
CA PRO A 257 -18.37 4.68 43.82
C PRO A 257 -16.86 4.90 43.53
N VAL A 258 -16.05 3.87 43.75
CA VAL A 258 -14.62 3.99 43.57
C VAL A 258 -14.14 2.93 42.62
N GLY A 259 -13.58 3.38 41.50
CA GLY A 259 -13.09 2.44 40.50
C GLY A 259 -11.61 2.60 40.20
N ILE A 260 -11.22 2.03 39.06
CA ILE A 260 -9.85 2.14 38.52
C ILE A 260 -9.87 2.24 36.99
N ILE A 261 -8.89 2.90 36.40
CA ILE A 261 -8.82 3.06 34.96
C ILE A 261 -7.58 2.30 34.49
N TYR A 262 -7.75 1.52 33.43
CA TYR A 262 -6.74 0.54 33.05
C TYR A 262 -6.57 0.51 31.53
N ALA A 263 -5.33 0.28 31.07
CA ALA A 263 -5.00 0.26 29.64
C ALA A 263 -5.26 -1.12 29.07
N ASN A 264 -6.06 -1.12 28.01
CA ASN A 264 -6.53 -2.38 27.41
C ASN A 264 -6.16 -2.48 25.96
N SER A 265 -5.77 -3.66 25.51
CA SER A 265 -5.86 -3.91 24.09
C SER A 265 -6.71 -5.17 23.85
N SER A 266 -7.21 -5.32 22.62
CA SER A 266 -8.02 -6.48 22.25
C SER A 266 -7.07 -7.52 21.71
N PHE A 267 -6.98 -8.65 22.37
CA PHE A 267 -6.09 -9.69 21.89
C PHE A 267 -6.80 -10.53 20.83
N GLN A 268 -6.14 -10.67 19.68
CA GLN A 268 -6.74 -11.30 18.50
C GLN A 268 -5.81 -12.39 18.00
N PRO A 269 -6.37 -13.51 17.54
CA PRO A 269 -5.56 -14.66 17.11
C PRO A 269 -5.08 -14.44 15.68
N LEU A 270 -3.80 -14.70 15.42
CA LEU A 270 -3.26 -14.53 14.08
C LEU A 270 -3.98 -15.48 13.10
N THR A 271 -3.97 -16.78 13.45
CA THR A 271 -4.69 -17.83 12.72
C THR A 271 -5.69 -18.46 13.69
N ASP A 272 -6.58 -19.30 13.16
CA ASP A 272 -7.59 -19.97 14.00
C ASP A 272 -7.02 -21.06 14.94
N LYS A 273 -5.72 -21.30 14.88
CA LYS A 273 -5.05 -22.19 15.83
C LYS A 273 -4.48 -21.43 17.05
N ASP A 274 -4.85 -20.16 17.21
CA ASP A 274 -4.20 -19.29 18.21
C ASP A 274 -5.13 -18.77 19.29
N MET A 275 -6.28 -19.42 19.46
CA MET A 275 -7.29 -18.95 20.39
C MET A 275 -6.89 -19.09 21.87
N GLU A 276 -6.08 -20.11 22.16
CA GLU A 276 -5.54 -20.34 23.50
C GLU A 276 -4.47 -19.27 23.80
N ALA A 277 -3.71 -18.91 22.76
CA ALA A 277 -2.72 -17.84 22.85
C ALA A 277 -3.38 -16.55 23.33
N VAL A 278 -4.58 -16.28 22.83
CA VAL A 278 -5.32 -15.08 23.20
C VAL A 278 -5.70 -15.11 24.68
N GLU A 279 -6.15 -16.27 25.14
CA GLU A 279 -6.56 -16.42 26.54
C GLU A 279 -5.39 -16.21 27.49
N MET A 280 -4.24 -16.80 27.17
CA MET A 280 -2.99 -16.59 27.93
C MET A 280 -2.55 -15.13 27.96
N ALA A 281 -2.65 -14.46 26.81
CA ALA A 281 -2.39 -13.02 26.73
C ALA A 281 -3.37 -12.23 27.60
N GLU A 282 -4.64 -12.58 27.56
CA GLU A 282 -5.63 -11.92 28.41
C GLU A 282 -5.38 -12.16 29.92
N ASN A 283 -4.98 -13.38 30.27
CA ASN A 283 -4.55 -13.70 31.63
C ASN A 283 -3.39 -12.80 32.09
N ASP A 284 -2.33 -12.74 31.26
CA ASP A 284 -1.06 -12.07 31.61
C ASP A 284 -1.14 -10.56 31.58
N ASN A 285 -2.11 -9.99 30.87
CA ASN A 285 -2.14 -8.56 30.67
C ASN A 285 -3.33 -7.89 31.31
N ARG A 286 -4.30 -8.69 31.73
CA ARG A 286 -5.58 -8.14 32.20
C ARG A 286 -6.18 -8.82 33.44
N TRP A 287 -6.44 -10.12 33.34
CA TRP A 287 -7.17 -10.81 34.41
C TRP A 287 -6.38 -10.92 35.72
N TRP A 288 -5.10 -11.28 35.63
CA TRP A 288 -4.22 -11.32 36.80
C TRP A 288 -4.37 -10.06 37.68
N PHE A 289 -4.45 -8.89 37.06
CA PHE A 289 -4.57 -7.62 37.80
C PHE A 289 -5.93 -7.52 38.44
N PHE A 290 -6.98 -7.75 37.67
CA PHE A 290 -8.33 -7.53 38.19
C PHE A 290 -8.79 -8.64 39.13
N ASP A 291 -8.31 -9.86 38.92
CA ASP A 291 -8.56 -10.92 39.89
C ASP A 291 -7.93 -10.58 41.26
N ALA A 292 -6.83 -9.80 41.25
CA ALA A 292 -6.19 -9.38 42.49
C ALA A 292 -7.06 -8.41 43.28
N ILE A 293 -7.55 -7.37 42.61
CA ILE A 293 -8.22 -6.28 43.30
C ILE A 293 -9.74 -6.49 43.42
N ILE A 294 -10.24 -7.52 42.76
CA ILE A 294 -11.67 -7.87 42.89
C ILE A 294 -11.82 -9.16 43.71
N ARG A 295 -10.96 -10.14 43.46
CA ARG A 295 -11.14 -11.47 44.06
C ARG A 295 -10.08 -11.74 45.08
N GLY A 296 -9.11 -10.84 45.17
CA GLY A 296 -8.04 -10.94 46.14
C GLY A 296 -7.00 -11.96 45.77
N GLU A 297 -7.05 -12.49 44.54
CA GLU A 297 -6.11 -13.52 44.13
C GLU A 297 -4.81 -12.91 43.62
N ILE A 298 -3.69 -13.38 44.16
CA ILE A 298 -2.39 -12.83 43.80
C ILE A 298 -1.26 -13.85 44.02
N THR A 299 -0.10 -13.55 43.46
CA THR A 299 1.12 -14.34 43.62
C THR A 299 2.17 -13.49 44.34
N ARG A 300 2.74 -14.04 45.41
CA ARG A 300 3.76 -13.36 46.21
C ARG A 300 5.00 -14.26 46.37
N GLY A 301 6.00 -14.06 45.51
CA GLY A 301 7.17 -14.93 45.51
C GLY A 301 7.00 -16.19 44.66
N ASN A 302 6.38 -17.22 45.21
CA ASN A 302 6.15 -18.45 44.45
C ASN A 302 4.78 -19.10 44.64
N GLU A 303 3.89 -18.44 45.39
CA GLU A 303 2.62 -19.07 45.83
C GLU A 303 1.36 -18.29 45.47
N LYS A 304 0.30 -19.01 45.07
CA LYS A 304 -0.98 -18.41 44.73
C LYS A 304 -1.90 -18.30 45.93
N ILE A 305 -2.00 -17.09 46.50
CA ILE A 305 -2.72 -16.81 47.74
C ILE A 305 -3.99 -15.94 47.57
N VAL A 306 -4.84 -15.88 48.58
CA VAL A 306 -5.95 -14.94 48.60
C VAL A 306 -5.74 -13.97 49.76
N ARG A 307 -5.73 -12.67 49.45
CA ARG A 307 -5.56 -11.63 50.46
C ARG A 307 -6.88 -10.93 50.72
N ASP A 308 -7.38 -11.06 51.95
CA ASP A 308 -8.66 -10.47 52.32
C ASP A 308 -8.65 -8.95 52.30
N ASP A 309 -7.45 -8.37 52.38
CA ASP A 309 -7.34 -6.91 52.31
C ASP A 309 -7.39 -6.37 50.85
N LEU A 310 -7.22 -7.26 49.87
CA LEU A 310 -7.35 -6.92 48.45
C LEU A 310 -8.75 -7.19 47.86
N LYS A 311 -9.38 -8.27 48.33
CA LYS A 311 -10.71 -8.72 47.87
C LYS A 311 -11.77 -7.65 47.92
N GLY A 312 -12.51 -7.49 46.82
CA GLY A 312 -13.67 -6.63 46.75
C GLY A 312 -13.41 -5.13 46.65
N ARG A 313 -12.18 -4.73 46.36
CA ARG A 313 -11.85 -3.32 46.34
C ARG A 313 -12.07 -2.63 44.97
N LEU A 314 -13.29 -2.73 44.43
CA LEU A 314 -13.64 -2.13 43.14
C LEU A 314 -15.14 -2.05 42.92
N ASP A 315 -15.59 -0.88 42.52
CA ASP A 315 -17.01 -0.68 42.24
C ASP A 315 -17.31 -0.59 40.73
N TRP A 316 -16.31 -0.17 39.93
CA TRP A 316 -16.47 0.03 38.48
C TRP A 316 -15.13 0.03 37.72
N ILE A 317 -15.18 -0.25 36.43
CA ILE A 317 -13.98 -0.44 35.63
C ILE A 317 -13.95 0.61 34.54
N GLY A 318 -12.83 1.33 34.47
CA GLY A 318 -12.64 2.34 33.44
C GLY A 318 -11.89 1.65 32.31
N VAL A 319 -12.54 1.56 31.16
CA VAL A 319 -11.97 0.85 30.01
C VAL A 319 -11.27 1.84 29.09
N ASN A 320 -9.96 1.68 28.96
CA ASN A 320 -9.17 2.52 28.06
C ASN A 320 -8.89 1.66 26.86
N TYR A 321 -9.05 2.20 25.66
CA TYR A 321 -8.89 1.34 24.48
C TYR A 321 -8.43 2.09 23.27
N TYR A 322 -7.41 1.60 22.59
CA TYR A 322 -7.07 2.21 21.29
C TYR A 322 -7.11 1.26 20.12
N THR A 323 -6.58 0.04 20.29
CA THR A 323 -6.35 -0.85 19.16
C THR A 323 -6.12 -2.28 19.67
N ARG A 324 -5.85 -3.22 18.75
CA ARG A 324 -5.72 -4.61 19.10
C ARG A 324 -4.28 -5.03 19.28
N THR A 325 -4.08 -6.26 19.75
CA THR A 325 -2.77 -6.89 19.67
C THR A 325 -2.98 -8.28 19.08
N VAL A 326 -2.22 -8.61 18.04
CA VAL A 326 -2.32 -9.91 17.39
C VAL A 326 -1.29 -10.81 18.03
N VAL A 327 -1.73 -11.98 18.47
CA VAL A 327 -0.86 -12.93 19.14
C VAL A 327 -0.86 -14.29 18.44
N LYS A 328 0.25 -15.01 18.56
CA LYS A 328 0.32 -16.38 18.05
C LYS A 328 0.91 -17.32 19.10
N ARG A 329 0.52 -18.60 19.05
CA ARG A 329 1.02 -19.65 19.95
C ARG A 329 2.49 -19.92 19.66
N THR A 330 3.27 -20.08 20.73
CA THR A 330 4.68 -20.52 20.64
C THR A 330 4.82 -21.84 21.42
N GLU A 331 5.98 -22.49 21.30
CA GLU A 331 6.33 -23.64 22.13
C GLU A 331 6.35 -23.20 23.60
N LYS A 332 7.10 -22.14 23.89
CA LYS A 332 7.19 -21.59 25.24
C LYS A 332 5.96 -20.80 25.76
N GLY A 333 4.97 -20.55 24.91
CA GLY A 333 3.78 -19.79 25.31
C GLY A 333 3.08 -19.03 24.18
N TYR A 334 3.29 -17.71 24.12
CA TYR A 334 2.69 -16.86 23.07
C TYR A 334 3.56 -15.63 22.80
N VAL A 335 3.44 -15.06 21.61
CA VAL A 335 4.10 -13.78 21.29
C VAL A 335 3.15 -12.82 20.56
N SER A 336 3.40 -11.52 20.74
CA SER A 336 2.72 -10.47 19.96
C SER A 336 3.42 -10.30 18.62
N LEU A 337 2.65 -9.89 17.60
CA LEU A 337 3.25 -9.64 16.29
C LEU A 337 3.34 -8.16 15.94
N GLY A 338 4.47 -7.78 15.35
CA GLY A 338 4.66 -6.43 14.81
C GLY A 338 3.83 -6.27 13.54
N GLY A 339 3.49 -5.04 13.16
CA GLY A 339 2.73 -4.84 11.92
C GLY A 339 1.23 -4.88 12.12
N TYR A 340 0.80 -5.09 13.37
CA TYR A 340 -0.60 -4.94 13.79
C TYR A 340 -0.66 -4.07 15.06
N GLY A 341 -1.86 -3.58 15.36
CA GLY A 341 -2.10 -2.94 16.64
C GLY A 341 -1.23 -1.72 16.83
N HIS A 342 -0.50 -1.67 17.95
CA HIS A 342 0.29 -0.45 18.23
C HIS A 342 1.69 -0.51 17.65
N GLY A 343 2.02 -1.63 17.00
CA GLY A 343 3.34 -1.82 16.43
C GLY A 343 3.40 -1.65 14.92
N CYS A 344 2.69 -0.66 14.38
CA CYS A 344 2.74 -0.38 12.94
C CYS A 344 3.54 0.90 12.62
N GLU A 345 3.80 1.11 11.34
CA GLU A 345 4.39 2.35 10.88
C GLU A 345 3.35 3.49 11.00
N ARG A 346 3.83 4.69 11.27
CA ARG A 346 2.96 5.86 11.42
C ARG A 346 2.44 6.26 10.06
N ASN A 347 1.20 6.71 10.01
CA ASN A 347 0.59 7.19 8.77
C ASN A 347 0.81 6.20 7.64
N SER A 348 0.35 4.99 7.87
CA SER A 348 0.55 3.93 6.90
C SER A 348 -0.63 2.99 6.97
N VAL A 349 -0.36 1.72 6.64
CA VAL A 349 -1.35 0.68 6.68
C VAL A 349 -0.74 -0.51 7.43
N SER A 350 -1.57 -1.26 8.16
CA SER A 350 -1.04 -2.42 8.91
C SER A 350 -0.86 -3.55 7.92
N LEU A 351 -0.27 -4.66 8.38
CA LEU A 351 -0.20 -5.88 7.59
C LEU A 351 -1.59 -6.43 7.21
N ALA A 352 -2.65 -6.03 7.91
CA ALA A 352 -4.00 -6.39 7.47
C ALA A 352 -4.65 -5.35 6.53
N GLY A 353 -3.89 -4.35 6.08
CA GLY A 353 -4.41 -3.32 5.22
C GLY A 353 -5.32 -2.30 5.91
N LEU A 354 -5.21 -2.21 7.24
CA LEU A 354 -5.98 -1.20 7.95
C LEU A 354 -5.17 0.05 8.22
N PRO A 355 -5.79 1.24 8.16
CA PRO A 355 -5.04 2.50 8.25
C PRO A 355 -4.50 2.70 9.68
N THR A 356 -3.29 3.25 9.78
CA THR A 356 -2.69 3.59 11.05
C THR A 356 -2.67 5.09 11.30
N SER A 357 -2.54 5.45 12.58
CA SER A 357 -2.61 6.82 13.03
C SER A 357 -1.24 7.49 12.98
N ASP A 358 -1.18 8.76 13.38
CA ASP A 358 0.08 9.51 13.51
C ASP A 358 1.06 8.79 14.46
N PHE A 359 0.53 7.92 15.31
CA PHE A 359 1.28 7.20 16.33
C PHE A 359 1.59 5.77 15.87
N GLY A 360 1.05 5.36 14.72
CA GLY A 360 1.32 4.02 14.21
C GLY A 360 0.38 3.00 14.82
N TRP A 361 -0.81 3.44 15.22
CA TRP A 361 -1.81 2.57 15.83
C TRP A 361 -2.91 2.20 14.82
N GLU A 362 -3.19 0.90 14.75
CA GLU A 362 -4.09 0.31 13.78
C GLU A 362 -5.58 0.54 14.08
N PHE A 363 -6.35 0.93 13.08
CA PHE A 363 -7.77 1.17 13.21
C PHE A 363 -8.44 -0.20 13.42
N PHE A 364 -9.05 -0.43 14.58
CA PHE A 364 -9.69 -1.71 14.90
C PHE A 364 -10.84 -1.57 15.91
N PRO A 365 -11.92 -0.92 15.53
CA PRO A 365 -12.98 -0.63 16.51
C PRO A 365 -13.62 -1.87 17.17
N GLU A 366 -13.63 -3.02 16.48
CA GLU A 366 -14.33 -4.17 17.03
C GLU A 366 -13.67 -4.66 18.30
N GLY A 367 -12.40 -4.30 18.49
CA GLY A 367 -11.72 -4.63 19.73
C GLY A 367 -12.39 -4.07 20.98
N LEU A 368 -13.01 -2.89 20.88
CA LEU A 368 -13.67 -2.28 22.03
C LEU A 368 -14.83 -3.15 22.51
N TYR A 369 -15.66 -3.61 21.56
CA TYR A 369 -16.76 -4.53 21.86
C TYR A 369 -16.17 -5.78 22.54
N ASP A 370 -15.10 -6.33 21.97
CA ASP A 370 -14.46 -7.48 22.57
C ASP A 370 -14.09 -7.19 24.04
N VAL A 371 -13.48 -6.03 24.30
CA VAL A 371 -12.98 -5.75 25.64
C VAL A 371 -14.12 -5.47 26.62
N LEU A 372 -15.09 -4.65 26.22
CA LEU A 372 -16.19 -4.34 27.10
C LEU A 372 -16.96 -5.63 27.51
N THR A 373 -17.22 -6.52 26.54
CA THR A 373 -18.05 -7.71 26.83
C THR A 373 -17.26 -8.75 27.61
N LYS A 374 -15.97 -8.85 27.36
CA LYS A 374 -15.16 -9.74 28.18
C LYS A 374 -15.12 -9.32 29.68
N TYR A 375 -14.95 -8.02 29.94
CA TYR A 375 -14.94 -7.55 31.32
C TYR A 375 -16.31 -7.84 31.93
N TRP A 376 -17.37 -7.54 31.17
CA TRP A 376 -18.72 -7.72 31.67
C TRP A 376 -19.00 -9.16 32.10
N ASN A 377 -18.67 -10.10 31.23
CA ASN A 377 -18.94 -11.51 31.52
C ASN A 377 -18.12 -12.09 32.67
N ARG A 378 -16.96 -11.49 32.94
CA ARG A 378 -16.12 -12.05 33.99
C ARG A 378 -16.49 -11.53 35.39
N TYR A 379 -16.81 -10.24 35.49
CA TYR A 379 -16.94 -9.55 36.77
C TYR A 379 -18.28 -8.93 37.02
N HIS A 380 -19.05 -8.65 35.96
CA HIS A 380 -20.32 -7.97 36.12
C HIS A 380 -20.29 -6.65 36.89
N LEU A 381 -19.20 -5.88 36.72
CA LEU A 381 -19.17 -4.53 37.25
C LEU A 381 -19.45 -3.54 36.13
N TYR A 382 -20.22 -2.49 36.41
CA TYR A 382 -20.46 -1.50 35.38
C TYR A 382 -19.16 -0.79 34.93
N MET A 383 -19.15 -0.30 33.70
CA MET A 383 -17.95 0.34 33.21
C MET A 383 -18.22 1.62 32.50
N TYR A 384 -17.13 2.37 32.30
CA TYR A 384 -17.15 3.58 31.52
C TYR A 384 -16.07 3.34 30.50
N VAL A 385 -16.24 3.90 29.30
CA VAL A 385 -15.12 3.98 28.39
C VAL A 385 -14.41 5.24 28.75
N THR A 386 -13.28 5.12 29.43
CA THR A 386 -12.61 6.30 30.01
C THR A 386 -11.53 6.93 29.11
N GLU A 387 -11.09 6.18 28.10
CA GLU A 387 -10.12 6.73 27.16
C GLU A 387 -10.27 6.04 25.80
N ASN A 388 -10.52 6.83 24.77
CA ASN A 388 -10.56 6.31 23.41
C ASN A 388 -10.33 7.45 22.46
N GLY A 389 -9.42 7.29 21.51
CA GLY A 389 -9.14 8.38 20.61
C GLY A 389 -7.97 8.13 19.70
N ILE A 390 -7.53 9.14 18.95
CA ILE A 390 -6.53 8.90 17.91
C ILE A 390 -5.62 10.09 17.76
N ALA A 391 -4.36 9.80 17.48
CA ALA A 391 -3.40 10.86 17.18
C ALA A 391 -3.56 11.20 15.72
N ASP A 392 -4.07 12.40 15.46
CA ASP A 392 -4.51 12.77 14.12
C ASP A 392 -4.61 14.28 14.05
N ASP A 393 -3.51 14.95 13.71
CA ASP A 393 -3.50 16.42 13.65
C ASP A 393 -4.36 16.93 12.49
N ALA A 394 -4.32 16.23 11.35
CA ALA A 394 -5.06 16.69 10.15
C ALA A 394 -6.57 16.47 10.25
N ASP A 395 -7.02 15.67 11.20
CA ASP A 395 -8.43 15.23 11.33
C ASP A 395 -8.97 14.29 10.21
N TYR A 396 -8.09 13.61 9.47
CA TYR A 396 -8.52 12.72 8.37
C TYR A 396 -9.34 11.51 8.88
N GLN A 397 -8.79 10.80 9.87
CA GLN A 397 -9.37 9.56 10.33
C GLN A 397 -10.32 9.69 11.52
N ARG A 398 -10.13 10.71 12.35
CA ARG A 398 -10.86 10.83 13.60
C ARG A 398 -12.40 10.75 13.45
N PRO A 399 -13.01 11.41 12.46
CA PRO A 399 -14.48 11.32 12.31
C PRO A 399 -14.93 9.87 12.24
N TYR A 400 -14.20 9.01 11.53
CA TYR A 400 -14.47 7.58 11.41
C TYR A 400 -14.13 6.86 12.70
N TYR A 401 -13.01 7.29 13.33
CA TYR A 401 -12.54 6.63 14.54
C TYR A 401 -13.59 6.82 15.62
N LEU A 402 -14.03 8.06 15.79
CA LEU A 402 -15.04 8.40 16.79
C LEU A 402 -16.39 7.65 16.56
N VAL A 403 -17.02 7.83 15.39
CA VAL A 403 -18.33 7.22 15.15
C VAL A 403 -18.24 5.71 15.27
N SER A 404 -17.19 5.12 14.73
CA SER A 404 -17.07 3.68 14.80
C SER A 404 -16.94 3.15 16.22
N HIS A 405 -16.15 3.80 17.06
CA HIS A 405 -15.97 3.24 18.40
C HIS A 405 -17.19 3.47 19.23
N VAL A 406 -17.86 4.58 18.99
CA VAL A 406 -19.09 4.88 19.73
C VAL A 406 -20.14 3.84 19.37
N TYR A 407 -20.17 3.44 18.10
CA TYR A 407 -21.06 2.33 17.66
C TYR A 407 -20.75 1.03 18.40
N GLN A 408 -19.48 0.74 18.63
CA GLN A 408 -19.12 -0.50 19.31
C GLN A 408 -19.56 -0.52 20.78
N VAL A 409 -19.68 0.67 21.39
CA VAL A 409 -20.19 0.76 22.74
C VAL A 409 -21.70 0.48 22.72
N HIS A 410 -22.38 1.01 21.70
CA HIS A 410 -23.83 0.77 21.56
C HIS A 410 -24.03 -0.73 21.41
N ARG A 411 -23.18 -1.37 20.64
CA ARG A 411 -23.27 -2.81 20.44
C ARG A 411 -23.04 -3.55 21.78
N ALA A 412 -22.06 -3.11 22.57
CA ALA A 412 -21.82 -3.70 23.89
C ALA A 412 -23.04 -3.62 24.82
N ILE A 413 -23.70 -2.47 24.86
CA ILE A 413 -24.86 -2.29 25.72
C ILE A 413 -25.97 -3.26 25.24
N ASN A 414 -26.30 -3.18 23.96
CA ASN A 414 -27.26 -4.11 23.35
C ASN A 414 -27.06 -5.58 23.72
N SER A 415 -25.82 -6.02 23.85
CA SER A 415 -25.50 -7.36 24.29
C SER A 415 -25.65 -7.57 25.80
N GLY A 416 -26.06 -6.54 26.54
CA GLY A 416 -26.25 -6.66 27.98
C GLY A 416 -25.25 -5.97 28.94
N ALA A 417 -24.11 -5.54 28.41
CA ALA A 417 -23.06 -4.92 29.21
C ALA A 417 -23.52 -3.61 29.82
N ASP A 418 -23.25 -3.44 31.11
CA ASP A 418 -23.53 -2.17 31.77
C ASP A 418 -22.40 -1.16 31.53
N VAL A 419 -22.59 -0.26 30.57
CA VAL A 419 -21.60 0.73 30.20
C VAL A 419 -22.30 2.06 30.29
N ARG A 420 -21.75 3.01 31.06
CA ARG A 420 -22.52 4.18 31.45
C ARG A 420 -22.06 5.49 30.85
N GLY A 421 -20.96 5.46 30.10
CA GLY A 421 -20.54 6.67 29.41
C GLY A 421 -19.39 6.41 28.47
N TYR A 422 -19.10 7.41 27.64
CA TYR A 422 -17.99 7.34 26.71
C TYR A 422 -17.23 8.66 26.83
N LEU A 423 -15.92 8.56 27.03
CA LEU A 423 -15.10 9.76 27.28
C LEU A 423 -13.95 9.74 26.30
N HIS A 424 -13.97 10.67 25.36
CA HIS A 424 -12.99 10.70 24.29
C HIS A 424 -11.65 11.20 24.87
N TRP A 425 -10.55 10.59 24.46
CA TRP A 425 -9.23 11.19 24.65
C TRP A 425 -8.79 11.95 23.41
N SER A 426 -8.81 13.29 23.41
CA SER A 426 -9.17 14.12 24.57
C SER A 426 -9.88 15.32 24.04
N LEU A 427 -10.29 16.24 24.92
CA LEU A 427 -10.96 17.46 24.47
C LEU A 427 -10.06 18.25 23.55
N ALA A 428 -8.81 18.44 23.97
CA ALA A 428 -7.88 19.30 23.28
C ALA A 428 -6.54 18.61 23.21
N ASP A 429 -5.67 19.04 22.27
CA ASP A 429 -4.35 18.50 22.14
C ASP A 429 -3.65 18.68 23.49
N ASN A 430 -2.69 17.82 23.79
CA ASN A 430 -1.86 18.01 24.98
C ASN A 430 -0.46 17.44 24.81
N TYR A 431 0.29 17.45 25.92
CA TYR A 431 1.68 16.96 25.95
C TYR A 431 1.75 15.45 26.08
N GLU A 432 2.14 14.77 25.01
CA GLU A 432 2.06 13.30 24.98
C GLU A 432 3.34 12.69 25.52
N TRP A 433 3.63 12.98 26.80
CA TRP A 433 4.68 12.26 27.52
C TRP A 433 6.04 12.35 26.80
N ALA A 434 6.72 11.24 26.63
CA ALA A 434 8.01 11.23 25.96
C ALA A 434 7.95 11.68 24.49
N SER A 435 6.74 11.70 23.89
CA SER A 435 6.59 12.04 22.47
C SER A 435 6.47 13.53 22.29
N GLY A 436 6.20 14.23 23.37
CA GLY A 436 6.00 15.67 23.28
C GLY A 436 4.70 16.12 22.64
N PHE A 437 4.71 17.31 22.06
CA PHE A 437 3.47 17.88 21.53
C PHE A 437 3.06 17.35 20.13
N SER A 438 3.91 16.62 19.43
CA SER A 438 3.58 16.28 18.02
C SER A 438 2.42 15.30 17.85
N MET A 439 2.06 14.57 18.91
CA MET A 439 0.96 13.62 18.91
C MET A 439 -0.26 14.33 19.43
N ARG A 440 -1.19 14.60 18.51
CA ARG A 440 -2.32 15.49 18.79
C ARG A 440 -3.65 14.75 18.78
N PHE A 441 -4.24 14.62 19.95
CA PHE A 441 -5.38 13.73 20.16
C PHE A 441 -6.65 14.53 20.31
N GLY A 442 -6.57 15.84 20.21
CA GLY A 442 -7.73 16.65 20.54
C GLY A 442 -8.90 16.64 19.53
N LEU A 443 -10.11 16.75 20.06
CA LEU A 443 -11.26 17.11 19.22
C LEU A 443 -11.04 18.57 18.84
N LEU A 444 -10.35 19.30 19.73
CA LEU A 444 -9.93 20.69 19.48
C LEU A 444 -8.42 20.76 19.21
N LYS A 445 -8.04 21.57 18.23
CA LYS A 445 -6.64 21.82 17.95
C LYS A 445 -6.14 22.95 18.85
N VAL A 446 -4.93 22.77 19.40
CA VAL A 446 -4.26 23.83 20.17
C VAL A 446 -3.16 24.47 19.36
N ASP A 447 -3.21 25.79 19.24
CA ASP A 447 -2.07 26.56 18.79
C ASP A 447 -1.26 26.89 20.06
N TYR A 448 -0.08 26.29 20.18
CA TYR A 448 0.72 26.38 21.41
C TYR A 448 1.36 27.75 21.62
N ASN A 449 1.34 28.59 20.58
CA ASN A 449 1.85 29.96 20.64
C ASN A 449 0.84 30.85 21.35
N THR A 450 -0.43 30.77 20.95
CA THR A 450 -1.45 31.63 21.56
C THR A 450 -2.30 30.90 22.59
N LYS A 451 -2.20 29.59 22.65
CA LYS A 451 -3.10 28.78 23.49
C LYS A 451 -4.58 28.82 23.00
N ARG A 452 -4.84 29.35 21.80
CA ARG A 452 -6.21 29.32 21.23
C ARG A 452 -6.65 27.90 20.85
N LEU A 453 -7.92 27.58 21.12
CA LEU A 453 -8.51 26.29 20.75
C LEU A 453 -9.34 26.39 19.48
N TYR A 454 -9.26 25.37 18.62
CA TYR A 454 -9.96 25.36 17.32
C TYR A 454 -10.76 24.07 17.21
N TRP A 455 -11.95 24.13 16.60
CA TRP A 455 -12.77 22.93 16.44
C TRP A 455 -12.34 22.18 15.20
N ARG A 456 -11.85 20.96 15.37
CA ARG A 456 -11.61 20.12 14.22
C ARG A 456 -13.00 19.62 13.75
N PRO A 457 -13.17 19.34 12.47
CA PRO A 457 -14.49 18.83 12.01
C PRO A 457 -15.01 17.64 12.86
N SER A 458 -14.14 16.75 13.34
CA SER A 458 -14.53 15.73 14.35
C SER A 458 -15.24 16.26 15.61
N ALA A 459 -14.93 17.47 16.04
CA ALA A 459 -15.59 18.06 17.21
C ALA A 459 -17.06 18.36 16.88
N LEU A 460 -17.30 18.83 15.65
CA LEU A 460 -18.67 19.05 15.15
C LEU A 460 -19.44 17.73 15.05
N VAL A 461 -18.76 16.67 14.64
CA VAL A 461 -19.36 15.34 14.59
C VAL A 461 -19.72 14.90 16.00
N TYR A 462 -18.80 15.12 16.95
CA TYR A 462 -19.04 14.75 18.35
C TYR A 462 -20.21 15.55 18.94
N ARG A 463 -20.33 16.80 18.56
CA ARG A 463 -21.44 17.60 19.05
C ARG A 463 -22.77 16.97 18.60
N GLU A 464 -22.85 16.54 17.33
CA GLU A 464 -24.04 15.79 16.85
C GLU A 464 -24.35 14.60 17.69
N ILE A 465 -23.34 13.79 17.98
CA ILE A 465 -23.53 12.59 18.82
C ILE A 465 -24.05 12.96 20.20
N ALA A 466 -23.40 13.93 20.84
CA ALA A 466 -23.65 14.21 22.26
C ALA A 466 -24.99 14.88 22.48
N THR A 467 -25.30 15.91 21.67
CA THR A 467 -26.58 16.63 21.79
C THR A 467 -27.77 15.72 21.50
N ASN A 468 -27.57 14.69 20.67
CA ASN A 468 -28.65 13.76 20.33
C ASN A 468 -28.68 12.50 21.16
N GLY A 469 -27.57 12.20 21.85
CA GLY A 469 -27.49 10.97 22.64
C GLY A 469 -27.54 9.79 21.69
N ALA A 470 -26.98 9.98 20.49
CA ALA A 470 -27.09 8.97 19.42
C ALA A 470 -26.11 9.20 18.28
N ILE A 471 -25.74 8.14 17.59
CA ILE A 471 -25.25 8.32 16.22
C ILE A 471 -26.50 8.55 15.36
N THR A 472 -26.68 9.77 14.86
CA THR A 472 -27.85 10.09 14.05
C THR A 472 -27.74 9.48 12.65
N ASP A 473 -28.87 9.36 11.96
CA ASP A 473 -28.86 8.82 10.59
C ASP A 473 -27.89 9.57 9.71
N GLU A 474 -27.74 10.87 9.92
CA GLU A 474 -26.95 11.68 9.00
C GLU A 474 -25.43 11.40 9.04
N ILE A 475 -24.93 10.83 10.14
CA ILE A 475 -23.47 10.64 10.29
C ILE A 475 -23.12 9.18 10.40
N GLU A 476 -24.12 8.35 10.24
CA GLU A 476 -23.94 6.92 10.36
C GLU A 476 -22.98 6.27 9.35
N HIS A 477 -22.71 6.93 8.22
CA HIS A 477 -21.79 6.33 7.25
C HIS A 477 -20.37 6.33 7.85
N LEU A 478 -20.14 7.16 8.90
CA LEU A 478 -18.81 7.25 9.50
C LEU A 478 -18.50 5.99 10.29
N ASN A 479 -19.50 5.12 10.45
CA ASN A 479 -19.28 3.83 11.09
C ASN A 479 -18.62 2.87 10.11
N SER A 480 -17.40 3.23 9.69
CA SER A 480 -16.65 2.47 8.69
C SER A 480 -15.16 2.81 8.80
N VAL A 481 -14.34 2.09 8.02
CA VAL A 481 -12.89 2.24 8.02
C VAL A 481 -12.58 3.43 7.13
N PRO A 482 -11.71 4.35 7.58
CA PRO A 482 -11.29 5.48 6.72
C PRO A 482 -10.77 4.87 5.41
N PRO A 483 -11.22 5.36 4.25
CA PRO A 483 -10.68 4.84 2.97
C PRO A 483 -9.16 4.94 2.93
N VAL A 484 -8.49 3.84 2.59
CA VAL A 484 -7.03 3.79 2.58
C VAL A 484 -6.39 4.32 1.30
N LYS A 485 -7.07 4.19 0.16
CA LYS A 485 -6.49 4.65 -1.11
C LYS A 485 -5.97 6.10 -1.14
N PRO A 486 -6.71 7.10 -0.64
CA PRO A 486 -6.16 8.48 -0.58
C PRO A 486 -5.10 8.72 0.52
N LEU A 487 -4.93 7.79 1.46
CA LEU A 487 -3.97 7.97 2.57
C LEU A 487 -2.56 7.43 2.21
N ARG A 488 -1.57 7.85 2.98
CA ARG A 488 -0.23 7.32 2.81
C ARG A 488 -0.19 5.82 3.11
N HIS A 489 0.52 5.08 2.28
CA HIS A 489 0.94 3.72 2.62
C HIS A 489 2.48 3.68 2.77
N MET B 1 20.41 -24.04 -11.21
CA MET B 1 20.56 -23.73 -12.66
C MET B 1 19.34 -24.14 -13.48
N TYR B 2 18.99 -23.29 -14.45
CA TYR B 2 17.95 -23.60 -15.43
C TYR B 2 18.55 -23.52 -16.82
N SER B 3 18.85 -24.67 -17.40
CA SER B 3 19.64 -24.74 -18.63
C SER B 3 18.69 -24.88 -19.79
N PHE B 4 19.00 -24.17 -20.86
CA PHE B 4 18.22 -24.23 -22.08
C PHE B 4 18.91 -25.19 -23.06
N PRO B 5 18.18 -25.70 -24.06
CA PRO B 5 18.78 -26.56 -25.09
C PRO B 5 19.92 -25.82 -25.80
N ASN B 6 20.88 -26.57 -26.35
CA ASN B 6 22.05 -25.98 -27.00
C ASN B 6 21.72 -25.11 -28.21
N SER B 7 20.56 -25.35 -28.82
CA SER B 7 20.13 -24.60 -29.99
C SER B 7 19.23 -23.38 -29.67
N PHE B 8 18.77 -23.26 -28.42
CA PHE B 8 17.92 -22.14 -27.99
C PHE B 8 18.71 -20.84 -28.12
N ARG B 9 18.07 -19.80 -28.61
CA ARG B 9 18.78 -18.52 -28.71
C ARG B 9 18.14 -17.39 -27.91
N PHE B 10 18.99 -16.60 -27.25
CA PHE B 10 18.59 -15.37 -26.56
C PHE B 10 18.93 -14.15 -27.43
N GLY B 11 18.00 -13.22 -27.52
CA GLY B 11 18.26 -12.00 -28.24
C GLY B 11 17.30 -10.89 -27.92
N TRP B 12 16.94 -10.14 -28.96
CA TRP B 12 16.06 -9.00 -28.81
C TRP B 12 15.27 -8.70 -30.07
N SER B 13 14.22 -7.89 -29.89
CA SER B 13 13.36 -7.42 -30.96
C SER B 13 13.34 -5.92 -30.96
N GLN B 14 13.19 -5.32 -32.14
CA GLN B 14 12.99 -3.88 -32.27
C GLN B 14 12.23 -3.55 -33.56
N ALA B 15 11.75 -2.31 -33.65
CA ALA B 15 10.91 -1.89 -34.75
C ALA B 15 11.60 -0.75 -35.47
N GLY B 16 11.37 -0.65 -36.79
CA GLY B 16 12.00 0.37 -37.59
C GLY B 16 11.61 1.76 -37.12
N PHE B 17 10.31 2.01 -37.00
CA PHE B 17 9.80 3.35 -36.67
C PHE B 17 10.20 3.79 -35.27
N GLN B 18 10.34 2.82 -34.36
CA GLN B 18 10.65 3.17 -32.97
C GLN B 18 12.14 3.48 -32.74
N SER B 19 12.99 2.82 -33.51
CA SER B 19 14.42 2.92 -33.28
C SER B 19 15.28 3.55 -34.38
N GLU B 20 14.78 3.58 -35.63
CA GLU B 20 15.65 3.99 -36.76
C GLU B 20 16.07 5.43 -36.68
N MET B 21 15.11 6.33 -36.51
CA MET B 21 15.38 7.75 -36.62
C MET B 21 16.14 8.32 -35.40
N GLY B 22 16.78 9.46 -35.58
CA GLY B 22 17.51 10.17 -34.53
C GLY B 22 18.85 10.70 -35.01
N THR B 23 19.50 10.00 -35.93
CA THR B 23 20.72 10.48 -36.59
C THR B 23 20.35 11.28 -37.87
N PRO B 24 20.91 12.48 -38.05
CA PRO B 24 20.64 13.21 -39.32
C PRO B 24 20.83 12.34 -40.59
N GLY B 25 19.85 12.50 -41.49
CA GLY B 25 19.79 11.68 -42.68
C GLY B 25 18.90 10.46 -42.59
N SER B 26 18.33 10.19 -41.42
CA SER B 26 17.54 8.96 -41.23
C SER B 26 16.03 9.21 -41.36
N GLU B 27 15.65 10.49 -41.44
CA GLU B 27 14.25 10.90 -41.39
C GLU B 27 13.40 10.16 -42.43
N ASP B 28 12.25 9.60 -42.00
CA ASP B 28 11.29 8.97 -42.92
C ASP B 28 9.92 9.57 -42.65
N PRO B 29 9.60 10.65 -43.37
CA PRO B 29 8.36 11.39 -43.19
C PRO B 29 7.18 10.77 -43.91
N ASN B 30 7.36 9.64 -44.58
CA ASN B 30 6.30 9.12 -45.49
C ASN B 30 5.38 8.00 -44.95
N THR B 31 5.05 8.03 -43.68
CA THR B 31 4.13 7.03 -43.14
C THR B 31 2.89 7.65 -42.53
N ASP B 32 1.86 6.83 -42.38
CA ASP B 32 0.70 7.28 -41.61
C ASP B 32 1.11 7.72 -40.18
N TRP B 33 1.92 6.90 -39.52
CA TRP B 33 2.40 7.14 -38.14
C TRP B 33 3.20 8.44 -37.99
N TYR B 34 4.08 8.72 -38.95
CA TYR B 34 4.80 10.01 -38.91
C TYR B 34 3.82 11.17 -38.94
N LYS B 35 2.88 11.10 -39.87
CA LYS B 35 1.93 12.19 -40.04
C LYS B 35 1.11 12.31 -38.78
N TRP B 36 0.67 11.15 -38.29
CA TRP B 36 -0.19 11.05 -37.12
C TRP B 36 0.43 11.72 -35.87
N VAL B 37 1.72 11.48 -35.59
CA VAL B 37 2.33 12.06 -34.38
C VAL B 37 2.75 13.53 -34.49
N HIS B 38 2.87 14.02 -35.73
CA HIS B 38 3.09 15.44 -35.99
C HIS B 38 1.82 16.24 -36.11
N ASP B 39 0.68 15.58 -36.10
CA ASP B 39 -0.58 16.32 -36.29
C ASP B 39 -0.91 17.31 -35.14
N PRO B 40 -1.11 18.59 -35.48
CA PRO B 40 -1.45 19.61 -34.47
C PRO B 40 -2.70 19.31 -33.64
N GLU B 41 -3.76 18.80 -34.28
CA GLU B 41 -4.98 18.46 -33.53
C GLU B 41 -4.72 17.25 -32.59
N ASN B 42 -4.09 16.20 -33.10
CA ASN B 42 -3.74 15.05 -32.24
C ASN B 42 -2.94 15.49 -30.99
N MET B 43 -2.04 16.45 -31.18
CA MET B 43 -1.18 16.97 -30.13
C MET B 43 -1.97 17.74 -29.11
N ALA B 44 -2.85 18.62 -29.57
CA ALA B 44 -3.67 19.42 -28.68
C ALA B 44 -4.63 18.56 -27.89
N ALA B 45 -5.07 17.46 -28.48
CA ALA B 45 -6.02 16.56 -27.81
C ALA B 45 -5.31 15.66 -26.80
N GLY B 46 -3.98 15.64 -26.85
CA GLY B 46 -3.21 14.70 -26.04
C GLY B 46 -3.27 13.25 -26.50
N LEU B 47 -3.74 13.00 -27.72
CA LEU B 47 -3.80 11.64 -28.27
C LEU B 47 -2.36 11.15 -28.56
N VAL B 48 -1.47 12.07 -28.94
CA VAL B 48 -0.04 11.76 -29.05
C VAL B 48 0.74 12.63 -28.04
N SER B 49 1.92 12.19 -27.65
CA SER B 49 2.68 12.89 -26.59
C SER B 49 3.26 14.24 -26.99
N GLY B 50 3.52 14.44 -28.28
CA GLY B 50 4.23 15.65 -28.72
C GLY B 50 5.70 15.32 -28.97
N ASP B 51 6.17 14.18 -28.48
CA ASP B 51 7.52 13.71 -28.79
C ASP B 51 7.52 13.28 -30.24
N LEU B 52 8.66 13.39 -30.89
CA LEU B 52 8.74 13.11 -32.29
C LEU B 52 9.79 12.08 -32.58
N PRO B 53 9.49 11.15 -33.46
CA PRO B 53 10.41 10.03 -33.67
C PRO B 53 11.76 10.42 -34.31
N GLU B 54 11.84 11.54 -35.03
CA GLU B 54 13.12 11.96 -35.61
C GLU B 54 14.13 12.37 -34.51
N ASN B 55 13.68 12.48 -33.25
CA ASN B 55 14.62 12.74 -32.13
C ASN B 55 14.94 11.44 -31.39
N GLY B 56 14.83 10.31 -32.08
CA GLY B 56 15.00 9.00 -31.48
C GLY B 56 16.42 8.48 -31.25
N PRO B 57 16.57 7.18 -31.04
CA PRO B 57 17.85 6.56 -30.70
C PRO B 57 18.83 6.42 -31.87
N GLY B 58 18.35 6.54 -33.11
CA GLY B 58 19.24 6.64 -34.26
C GLY B 58 19.90 5.33 -34.67
N TYR B 59 19.18 4.23 -34.59
CA TYR B 59 19.69 2.97 -35.13
C TYR B 59 20.13 3.02 -36.62
N TRP B 60 19.48 3.85 -37.43
CA TRP B 60 19.81 4.01 -38.85
C TRP B 60 21.30 4.39 -39.00
N GLY B 61 21.77 5.36 -38.24
CA GLY B 61 23.19 5.71 -38.29
C GLY B 61 24.08 4.89 -37.37
N ASN B 62 23.54 4.42 -36.24
CA ASN B 62 24.36 3.89 -35.16
C ASN B 62 24.28 2.37 -34.97
N TYR B 63 23.71 1.67 -35.95
CA TYR B 63 23.49 0.23 -35.84
C TYR B 63 24.70 -0.57 -35.41
N LYS B 64 25.90 -0.16 -35.83
CA LYS B 64 27.15 -0.87 -35.46
C LYS B 64 27.39 -0.92 -33.93
N THR B 65 27.21 0.20 -33.25
CA THR B 65 27.17 0.27 -31.79
C THR B 65 26.10 -0.67 -31.16
N PHE B 66 24.88 -0.66 -31.70
CA PHE B 66 23.84 -1.53 -31.16
C PHE B 66 24.32 -2.96 -31.25
N HIS B 67 24.82 -3.35 -32.42
CA HIS B 67 25.21 -4.75 -32.66
C HIS B 67 26.44 -5.15 -31.85
N ASP B 68 27.32 -4.18 -31.65
CA ASP B 68 28.50 -4.30 -30.81
C ASP B 68 28.12 -4.69 -29.37
N ASN B 69 27.19 -3.93 -28.80
CA ASN B 69 26.68 -4.18 -27.48
C ASN B 69 25.95 -5.50 -27.36
N ALA B 70 25.14 -5.82 -28.38
CA ALA B 70 24.42 -7.09 -28.42
C ALA B 70 25.37 -8.30 -28.42
N GLN B 71 26.46 -8.18 -29.17
CA GLN B 71 27.52 -9.19 -29.21
C GLN B 71 28.23 -9.31 -27.86
N LYS B 72 28.60 -8.18 -27.26
CA LYS B 72 29.19 -8.20 -25.90
C LYS B 72 28.23 -8.84 -24.89
N MET B 73 26.93 -8.73 -25.15
CA MET B 73 25.92 -9.25 -24.24
C MET B 73 25.69 -10.73 -24.50
N GLY B 74 26.34 -11.26 -25.54
CA GLY B 74 26.24 -12.67 -25.86
C GLY B 74 24.96 -13.07 -26.58
N LEU B 75 24.28 -12.10 -27.18
CA LEU B 75 23.03 -12.39 -27.87
C LEU B 75 23.29 -13.14 -29.17
N LYS B 76 22.37 -14.02 -29.56
CA LYS B 76 22.58 -14.82 -30.76
C LYS B 76 21.38 -14.76 -31.76
N ILE B 77 20.39 -13.93 -31.48
CA ILE B 77 19.24 -13.79 -32.38
C ILE B 77 18.71 -12.36 -32.33
N ALA B 78 18.12 -11.90 -33.43
CA ALA B 78 17.56 -10.56 -33.52
C ALA B 78 16.36 -10.61 -34.45
N ARG B 79 15.32 -9.83 -34.11
CA ARG B 79 14.18 -9.67 -34.98
C ARG B 79 13.98 -8.18 -35.19
N LEU B 80 14.02 -7.76 -36.46
CA LEU B 80 13.81 -6.39 -36.89
C LEU B 80 12.84 -6.40 -38.04
N ASN B 81 12.38 -5.23 -38.44
CA ASN B 81 11.59 -5.11 -39.66
C ASN B 81 12.23 -4.14 -40.63
N VAL B 82 11.91 -4.28 -41.91
CA VAL B 82 12.13 -3.22 -42.91
C VAL B 82 10.90 -2.31 -42.94
N GLU B 83 11.12 -1.00 -43.05
CA GLU B 83 10.01 -0.06 -43.19
C GLU B 83 9.61 0.09 -44.66
N TRP B 84 8.42 -0.44 -44.99
CA TRP B 84 7.74 -0.37 -46.30
C TRP B 84 7.89 1.00 -46.97
N SER B 85 7.53 2.04 -46.23
CA SER B 85 7.62 3.41 -46.68
C SER B 85 9.02 3.84 -47.09
N ARG B 86 10.07 3.21 -46.54
CA ARG B 86 11.43 3.60 -46.92
C ARG B 86 11.71 3.05 -48.33
N ILE B 87 11.20 1.85 -48.61
CA ILE B 87 11.50 1.17 -49.86
C ILE B 87 10.59 1.66 -51.01
N PHE B 88 9.30 1.88 -50.71
CA PHE B 88 8.38 2.49 -51.66
C PHE B 88 7.70 3.77 -51.14
N PRO B 89 8.43 4.89 -51.12
CA PRO B 89 7.89 6.15 -50.59
C PRO B 89 6.81 6.76 -51.51
N ASN B 90 6.82 6.32 -52.77
CA ASN B 90 5.93 6.87 -53.80
C ASN B 90 4.91 5.85 -54.26
N PRO B 91 3.72 6.32 -54.63
CA PRO B 91 2.64 5.41 -55.02
C PRO B 91 2.97 4.54 -56.25
N LEU B 92 2.50 3.31 -56.26
CA LEU B 92 2.74 2.40 -57.36
C LEU B 92 1.52 2.46 -58.24
N PRO B 93 1.70 2.24 -59.56
CA PRO B 93 0.56 2.24 -60.49
C PRO B 93 -0.48 1.23 -60.03
N ARG B 94 -1.75 1.64 -60.15
CA ARG B 94 -2.92 0.78 -59.90
C ARG B 94 -2.80 -0.51 -60.72
N PRO B 95 -3.04 -1.66 -60.08
CA PRO B 95 -2.67 -2.99 -60.61
C PRO B 95 -3.45 -3.42 -61.88
N PHE B 98 -7.45 -6.46 -61.19
CA PHE B 98 -7.79 -6.26 -59.78
C PHE B 98 -9.06 -5.43 -59.58
N ASP B 99 -10.05 -6.06 -58.97
CA ASP B 99 -11.34 -5.43 -58.69
C ASP B 99 -11.43 -5.00 -57.21
N GLU B 100 -11.39 -3.69 -56.98
CA GLU B 100 -11.31 -3.15 -55.61
C GLU B 100 -12.57 -3.35 -54.75
N SER B 101 -13.71 -3.65 -55.39
CA SER B 101 -14.95 -3.89 -54.63
C SER B 101 -15.13 -5.33 -54.13
N LYS B 102 -14.30 -6.26 -54.61
CA LYS B 102 -14.31 -7.64 -54.12
C LYS B 102 -13.76 -7.73 -52.68
N GLN B 103 -14.55 -8.35 -51.80
CA GLN B 103 -14.25 -8.58 -50.38
C GLN B 103 -13.04 -9.47 -50.14
N ASP B 104 -12.95 -10.58 -50.88
CA ASP B 104 -11.86 -11.54 -50.74
C ASP B 104 -10.72 -11.30 -51.71
N VAL B 105 -9.51 -11.50 -51.20
CA VAL B 105 -8.30 -11.57 -52.01
C VAL B 105 -7.75 -12.96 -51.78
N THR B 106 -8.09 -13.90 -52.67
CA THR B 106 -7.70 -15.31 -52.53
C THR B 106 -6.35 -15.59 -53.19
N GLU B 107 -5.91 -14.71 -54.08
CA GLU B 107 -4.69 -14.92 -54.84
C GLU B 107 -4.08 -13.58 -55.27
N VAL B 108 -2.75 -13.49 -55.19
CA VAL B 108 -2.02 -12.39 -55.78
C VAL B 108 -0.87 -13.00 -56.57
N GLU B 109 -0.91 -12.82 -57.88
CA GLU B 109 0.05 -13.47 -58.78
C GLU B 109 1.32 -12.66 -58.77
N ILE B 110 2.42 -13.30 -58.38
CA ILE B 110 3.72 -12.63 -58.33
C ILE B 110 4.72 -13.51 -59.07
N ASN B 111 5.47 -12.92 -59.99
CA ASN B 111 6.50 -13.68 -60.67
C ASN B 111 7.72 -12.82 -60.89
N GLU B 112 8.73 -13.44 -61.48
CA GLU B 112 10.01 -12.81 -61.78
C GLU B 112 9.88 -11.46 -62.50
N ASN B 113 9.04 -11.39 -63.54
CA ASN B 113 8.84 -10.14 -64.31
C ASN B 113 8.22 -9.03 -63.45
N GLU B 114 7.17 -9.36 -62.71
CA GLU B 114 6.50 -8.41 -61.82
C GLU B 114 7.49 -7.87 -60.76
N LEU B 115 8.32 -8.75 -60.20
CA LEU B 115 9.33 -8.34 -59.23
C LEU B 115 10.38 -7.39 -59.81
N LYS B 116 10.78 -7.64 -61.06
CA LYS B 116 11.72 -6.75 -61.75
C LYS B 116 11.06 -5.40 -62.02
N ARG B 117 9.74 -5.39 -62.21
CA ARG B 117 9.04 -4.13 -62.49
C ARG B 117 9.00 -3.27 -61.22
N LEU B 118 8.71 -3.93 -60.10
CA LEU B 118 8.66 -3.30 -58.78
C LEU B 118 9.99 -2.69 -58.48
N ASP B 119 11.01 -3.47 -58.80
CA ASP B 119 12.40 -3.08 -58.62
C ASP B 119 12.69 -1.66 -59.09
N GLU B 120 11.98 -1.23 -60.13
CA GLU B 120 12.25 0.07 -60.75
C GLU B 120 11.59 1.19 -59.95
N TYR B 121 10.67 0.83 -59.04
CA TYR B 121 10.12 1.86 -58.15
C TYR B 121 10.83 1.97 -56.80
N ALA B 122 11.59 0.95 -56.44
CA ALA B 122 12.17 0.82 -55.09
C ALA B 122 13.24 1.86 -54.82
N ASN B 123 13.31 2.35 -53.58
CA ASN B 123 14.38 3.27 -53.24
C ASN B 123 15.65 2.50 -53.04
N LYS B 124 16.64 2.72 -53.91
CA LYS B 124 17.90 1.96 -53.83
C LYS B 124 18.83 2.33 -52.67
N ASP B 125 18.84 3.59 -52.27
CA ASP B 125 19.62 4.01 -51.10
C ASP B 125 19.15 3.27 -49.82
N ALA B 126 17.83 3.22 -49.64
CA ALA B 126 17.21 2.53 -48.51
C ALA B 126 17.49 1.02 -48.55
N LEU B 127 17.36 0.40 -49.72
CA LEU B 127 17.67 -1.03 -49.84
C LEU B 127 19.12 -1.35 -49.54
N ASN B 128 20.03 -0.51 -50.04
CA ASN B 128 21.45 -0.69 -49.81
C ASN B 128 21.81 -0.49 -48.33
N HIS B 129 21.21 0.52 -47.70
CA HIS B 129 21.45 0.76 -46.28
C HIS B 129 20.99 -0.42 -45.42
N TYR B 130 19.77 -0.91 -45.62
CA TYR B 130 19.28 -2.12 -44.94
C TYR B 130 20.20 -3.33 -45.13
N ARG B 131 20.65 -3.54 -46.37
CA ARG B 131 21.62 -4.60 -46.63
C ARG B 131 22.89 -4.39 -45.77
N GLU B 132 23.37 -3.16 -45.66
CA GLU B 132 24.53 -2.88 -44.81
C GLU B 132 24.24 -3.20 -43.33
N ILE B 133 23.06 -2.80 -42.85
CA ILE B 133 22.67 -3.11 -41.48
C ILE B 133 22.65 -4.61 -41.24
N PHE B 134 21.96 -5.35 -42.12
CA PHE B 134 21.77 -6.77 -41.93
C PHE B 134 23.04 -7.57 -42.10
N LYS B 135 23.92 -7.11 -42.98
CA LYS B 135 25.23 -7.77 -43.15
C LYS B 135 26.04 -7.66 -41.84
N ASP B 136 26.02 -6.48 -41.25
CA ASP B 136 26.74 -6.24 -40.01
C ASP B 136 26.11 -7.06 -38.88
N LEU B 137 24.79 -7.19 -38.89
CA LEU B 137 24.07 -8.04 -37.96
C LEU B 137 24.58 -9.47 -38.07
N LYS B 138 24.56 -10.03 -39.29
CA LYS B 138 24.97 -11.42 -39.50
C LYS B 138 26.43 -11.68 -39.14
N SER B 139 27.29 -10.67 -39.33
CA SER B 139 28.69 -10.82 -39.01
C SER B 139 28.98 -10.89 -37.50
N ARG B 140 27.98 -10.59 -36.68
CA ARG B 140 28.15 -10.79 -35.24
C ARG B 140 27.61 -12.13 -34.78
N GLY B 141 27.34 -13.03 -35.70
CA GLY B 141 26.79 -14.34 -35.38
C GLY B 141 25.35 -14.32 -34.92
N LEU B 142 24.61 -13.26 -35.24
CA LEU B 142 23.19 -13.17 -34.93
C LEU B 142 22.33 -13.86 -35.99
N TYR B 143 21.54 -14.82 -35.56
CA TYR B 143 20.46 -15.44 -36.34
C TYR B 143 19.38 -14.36 -36.55
N PHE B 144 18.86 -14.27 -37.78
CA PHE B 144 18.06 -13.10 -38.21
C PHE B 144 16.61 -13.47 -38.54
N ILE B 145 15.68 -13.00 -37.71
CA ILE B 145 14.25 -13.04 -38.07
C ILE B 145 13.87 -11.70 -38.67
N LEU B 146 13.44 -11.71 -39.93
CA LEU B 146 13.01 -10.49 -40.60
C LEU B 146 11.51 -10.46 -40.66
N ASN B 147 10.97 -9.41 -40.06
CA ASN B 147 9.55 -9.08 -40.04
C ASN B 147 9.23 -8.05 -41.15
N MET B 148 8.11 -8.21 -41.85
CA MET B 148 7.80 -7.30 -42.97
C MET B 148 7.08 -6.01 -42.55
N TYR B 149 6.34 -6.08 -41.46
CA TYR B 149 5.38 -5.02 -41.09
C TYR B 149 5.30 -4.85 -39.57
N HIS B 150 5.55 -3.64 -39.11
CA HIS B 150 5.47 -3.31 -37.68
C HIS B 150 4.76 -1.97 -37.51
N TRP B 151 3.65 -1.82 -38.24
CA TRP B 151 2.59 -0.82 -38.04
C TRP B 151 2.52 0.40 -38.99
N PRO B 152 3.60 1.14 -39.24
CA PRO B 152 3.47 2.24 -40.22
C PRO B 152 3.23 1.75 -41.63
N LEU B 153 2.26 2.38 -42.30
CA LEU B 153 1.96 2.16 -43.71
C LEU B 153 2.44 3.37 -44.49
N PRO B 154 2.88 3.20 -45.75
CA PRO B 154 3.22 4.37 -46.58
C PRO B 154 2.03 5.30 -46.64
N LEU B 155 2.27 6.61 -46.60
CA LEU B 155 1.18 7.59 -46.65
C LEU B 155 0.34 7.40 -47.90
N TRP B 156 0.97 6.95 -48.99
CA TRP B 156 0.24 6.77 -50.25
C TRP B 156 -0.78 5.64 -50.15
N LEU B 157 -0.65 4.79 -49.13
CA LEU B 157 -1.66 3.76 -48.84
C LEU B 157 -2.60 4.10 -47.69
N HIS B 158 -2.22 5.06 -46.82
CA HIS B 158 -3.10 5.46 -45.72
C HIS B 158 -2.91 6.89 -45.27
N ASP B 159 -3.93 7.74 -45.44
CA ASP B 159 -3.91 9.07 -44.85
C ASP B 159 -4.81 9.03 -43.61
N PRO B 160 -4.19 8.97 -42.44
CA PRO B 160 -4.93 8.68 -41.21
C PRO B 160 -5.74 9.88 -40.73
N ILE B 161 -5.32 11.10 -41.06
CA ILE B 161 -6.09 12.25 -40.58
C ILE B 161 -7.43 12.36 -41.34
N ARG B 162 -7.39 12.13 -42.65
CA ARG B 162 -8.64 12.05 -43.45
C ARG B 162 -9.64 11.07 -42.86
N VAL B 163 -9.18 9.85 -42.63
CA VAL B 163 -10.01 8.82 -42.03
C VAL B 163 -10.49 9.22 -40.59
N ARG B 164 -9.59 9.69 -39.73
CA ARG B 164 -10.00 10.22 -38.43
C ARG B 164 -11.18 11.20 -38.54
N ARG B 165 -11.10 12.08 -39.54
CA ARG B 165 -12.15 13.05 -39.82
C ARG B 165 -13.46 12.45 -40.39
N GLY B 166 -13.48 11.15 -40.66
CA GLY B 166 -14.68 10.51 -41.17
C GLY B 166 -14.77 10.57 -42.70
N ASP B 167 -13.65 10.82 -43.36
CA ASP B 167 -13.61 10.91 -44.80
C ASP B 167 -12.99 9.64 -45.36
N PHE B 168 -13.81 8.84 -46.04
CA PHE B 168 -13.30 7.56 -46.58
C PHE B 168 -13.00 7.54 -48.10
N THR B 169 -12.83 8.71 -48.69
CA THR B 169 -12.58 8.82 -50.14
C THR B 169 -11.09 8.75 -50.50
N GLY B 170 -10.21 8.81 -49.50
CA GLY B 170 -8.77 8.74 -49.72
C GLY B 170 -8.16 7.38 -49.46
N PRO B 171 -6.83 7.31 -49.38
CA PRO B 171 -6.15 6.05 -49.02
C PRO B 171 -6.48 5.63 -47.57
N SER B 172 -7.02 4.44 -47.43
CA SER B 172 -7.75 4.03 -46.23
C SER B 172 -7.07 2.89 -45.43
N GLY B 173 -5.79 2.64 -45.71
CA GLY B 173 -5.04 1.65 -44.97
C GLY B 173 -5.65 0.27 -45.00
N TRP B 174 -5.73 -0.39 -43.84
CA TRP B 174 -6.28 -1.75 -43.80
C TRP B 174 -7.78 -1.88 -44.12
N LEU B 175 -8.45 -0.77 -44.36
CA LEU B 175 -9.85 -0.89 -44.74
C LEU B 175 -9.96 -1.17 -46.26
N SER B 176 -8.84 -1.20 -46.96
CA SER B 176 -8.86 -1.32 -48.41
C SER B 176 -8.06 -2.54 -48.89
N THR B 177 -8.68 -3.37 -49.75
CA THR B 177 -8.00 -4.53 -50.37
C THR B 177 -6.80 -4.11 -51.22
N ARG B 178 -6.75 -2.87 -51.69
CA ARG B 178 -5.53 -2.38 -52.34
C ARG B 178 -4.27 -2.55 -51.42
N THR B 179 -4.43 -2.27 -50.13
CA THR B 179 -3.36 -2.46 -49.16
C THR B 179 -2.97 -3.92 -49.04
N VAL B 180 -3.96 -4.80 -49.06
CA VAL B 180 -3.70 -6.25 -49.00
C VAL B 180 -2.85 -6.66 -50.19
N TYR B 181 -3.27 -6.20 -51.37
CA TYR B 181 -2.64 -6.59 -52.61
C TYR B 181 -1.18 -6.14 -52.62
N GLU B 182 -0.94 -4.87 -52.27
CA GLU B 182 0.42 -4.29 -52.25
C GLU B 182 1.29 -4.90 -51.16
N PHE B 183 0.67 -5.30 -50.05
CA PHE B 183 1.44 -5.90 -48.95
C PHE B 183 2.04 -7.24 -49.37
N ALA B 184 1.23 -8.07 -50.03
CA ALA B 184 1.73 -9.35 -50.55
C ALA B 184 2.91 -9.15 -51.51
N ARG B 185 2.82 -8.12 -52.34
CA ARG B 185 3.87 -7.85 -53.31
C ARG B 185 5.14 -7.36 -52.60
N PHE B 186 4.97 -6.42 -51.66
CA PHE B 186 6.09 -5.91 -50.86
C PHE B 186 6.84 -7.05 -50.19
N SER B 187 6.10 -7.97 -49.57
CA SER B 187 6.74 -9.04 -48.81
C SER B 187 7.52 -10.00 -49.72
N ALA B 188 6.91 -10.41 -50.84
CA ALA B 188 7.64 -11.18 -51.85
C ALA B 188 8.87 -10.42 -52.32
N TYR B 189 8.71 -9.14 -52.57
CA TYR B 189 9.84 -8.34 -53.02
C TYR B 189 11.03 -8.30 -52.02
N ILE B 190 10.71 -8.13 -50.74
CA ILE B 190 11.76 -8.01 -49.74
C ILE B 190 12.43 -9.35 -49.57
N ALA B 191 11.64 -10.42 -49.53
CA ALA B 191 12.21 -11.75 -49.45
C ALA B 191 13.15 -12.00 -50.64
N TRP B 192 12.73 -11.54 -51.80
CA TRP B 192 13.48 -11.69 -53.06
C TRP B 192 14.82 -10.98 -52.93
N LYS B 193 14.79 -9.77 -52.38
CA LYS B 193 16.02 -9.01 -52.16
C LYS B 193 16.92 -9.51 -51.02
N PHE B 194 16.34 -10.01 -49.93
CA PHE B 194 17.14 -10.25 -48.74
C PHE B 194 17.31 -11.71 -48.31
N ASP B 195 16.77 -12.65 -49.08
CA ASP B 195 16.77 -14.07 -48.69
C ASP B 195 18.13 -14.65 -48.30
N ASP B 196 19.20 -14.16 -48.91
CA ASP B 196 20.56 -14.61 -48.61
C ASP B 196 21.03 -14.26 -47.19
N LEU B 197 20.39 -13.27 -46.57
CA LEU B 197 20.73 -12.82 -45.21
C LEU B 197 19.74 -13.34 -44.16
N VAL B 198 18.52 -13.67 -44.57
CA VAL B 198 17.44 -13.96 -43.64
C VAL B 198 17.45 -15.42 -43.21
N ASP B 199 17.14 -15.67 -41.93
CA ASP B 199 16.99 -17.03 -41.44
C ASP B 199 15.55 -17.48 -41.35
N GLU B 200 14.68 -16.66 -40.77
CA GLU B 200 13.23 -16.91 -40.75
C GLU B 200 12.47 -15.60 -41.02
N TYR B 201 11.20 -15.71 -41.41
CA TYR B 201 10.40 -14.55 -41.75
C TYR B 201 9.23 -14.45 -40.83
N SER B 202 8.82 -13.22 -40.58
CA SER B 202 7.52 -12.94 -40.01
C SER B 202 6.84 -11.98 -40.96
N THR B 203 5.55 -12.19 -41.20
CA THR B 203 4.83 -11.29 -42.08
C THR B 203 4.57 -9.97 -41.39
N MET B 204 4.12 -10.07 -40.14
CA MET B 204 3.64 -8.91 -39.43
C MET B 204 3.78 -9.00 -37.91
N ASN B 205 3.80 -7.82 -37.28
CA ASN B 205 3.87 -7.72 -35.82
C ASN B 205 2.54 -7.24 -35.27
N GLU B 206 1.94 -8.01 -34.38
CA GLU B 206 0.71 -7.60 -33.64
C GLU B 206 -0.40 -6.95 -34.49
N PRO B 207 -0.93 -7.66 -35.48
CA PRO B 207 -2.02 -7.13 -36.31
C PRO B 207 -3.29 -6.88 -35.48
N ASN B 208 -3.48 -7.65 -34.41
CA ASN B 208 -4.62 -7.41 -33.49
C ASN B 208 -4.58 -6.03 -32.81
N VAL B 209 -3.37 -5.52 -32.57
CA VAL B 209 -3.26 -4.22 -31.92
C VAL B 209 -3.57 -3.11 -32.95
N VAL B 210 -3.10 -3.31 -34.18
CA VAL B 210 -3.39 -2.37 -35.28
C VAL B 210 -4.90 -2.15 -35.48
N GLY B 211 -5.65 -3.23 -35.65
CA GLY B 211 -7.10 -3.08 -35.79
C GLY B 211 -7.83 -2.70 -34.50
N GLY B 212 -7.36 -3.24 -33.38
CA GLY B 212 -8.01 -3.01 -32.10
C GLY B 212 -7.86 -1.59 -31.57
N LEU B 213 -6.63 -1.08 -31.49
CA LEU B 213 -6.45 0.30 -31.03
C LEU B 213 -6.77 1.33 -32.13
N GLY B 214 -6.52 0.98 -33.39
CA GLY B 214 -6.87 1.86 -34.49
C GLY B 214 -8.34 2.29 -34.58
N TYR B 215 -9.26 1.38 -34.25
CA TYR B 215 -10.67 1.58 -34.51
C TYR B 215 -11.60 1.31 -33.32
N VAL B 216 -11.07 0.85 -32.19
CA VAL B 216 -11.89 0.70 -30.97
C VAL B 216 -11.27 1.45 -29.75
N GLY B 217 -10.05 1.07 -29.37
CA GLY B 217 -9.37 1.69 -28.25
C GLY B 217 -8.77 3.04 -28.63
N VAL B 218 -9.62 3.98 -29.07
CA VAL B 218 -9.18 5.21 -29.67
C VAL B 218 -8.49 6.18 -28.68
N LYS B 219 -8.73 6.00 -27.39
CA LYS B 219 -7.99 6.82 -26.42
C LYS B 219 -6.50 6.50 -26.41
N SER B 220 -6.12 5.34 -26.95
CA SER B 220 -4.70 5.03 -27.17
C SER B 220 -3.92 5.95 -28.12
N GLY B 221 -4.62 6.72 -28.96
CA GLY B 221 -3.94 7.58 -29.92
C GLY B 221 -3.21 6.80 -31.01
N PHE B 222 -3.82 5.71 -31.46
CA PHE B 222 -3.30 4.98 -32.62
C PHE B 222 -4.07 5.41 -33.88
N PRO B 223 -3.38 5.51 -35.03
CA PRO B 223 -4.07 5.88 -36.29
C PRO B 223 -4.96 4.74 -36.79
N PRO B 224 -6.08 5.03 -37.45
CA PRO B 224 -6.54 6.41 -37.73
C PRO B 224 -7.46 6.96 -36.64
N GLY B 225 -7.63 6.20 -35.55
CA GLY B 225 -8.43 6.70 -34.43
C GLY B 225 -9.89 6.97 -34.75
N TYR B 226 -10.47 6.13 -35.61
CA TYR B 226 -11.89 6.26 -35.97
C TYR B 226 -12.67 5.16 -35.27
N LEU B 227 -13.57 5.53 -34.37
CA LEU B 227 -14.24 4.56 -33.52
C LEU B 227 -15.38 3.87 -34.28
N SER B 228 -15.21 2.57 -34.54
CA SER B 228 -16.18 1.76 -35.29
C SER B 228 -15.94 0.28 -35.09
N PHE B 229 -16.91 -0.41 -34.50
CA PHE B 229 -16.82 -1.87 -34.38
C PHE B 229 -16.73 -2.48 -35.78
N GLU B 230 -17.57 -1.97 -36.69
CA GLU B 230 -17.68 -2.49 -38.07
C GLU B 230 -16.36 -2.38 -38.81
N LEU B 231 -15.76 -1.19 -38.79
CA LEU B 231 -14.49 -0.99 -39.48
C LEU B 231 -13.31 -1.73 -38.86
N SER B 232 -13.38 -1.95 -37.54
CA SER B 232 -12.37 -2.76 -36.86
C SER B 232 -12.35 -4.22 -37.38
N ARG B 233 -13.54 -4.80 -37.53
CA ARG B 233 -13.70 -6.13 -38.14
C ARG B 233 -13.19 -6.14 -39.58
N ARG B 234 -13.56 -5.14 -40.37
CA ARG B 234 -13.10 -5.04 -41.75
C ARG B 234 -11.56 -5.00 -41.78
N ALA B 235 -10.94 -4.19 -40.92
CA ALA B 235 -9.48 -4.08 -40.91
C ALA B 235 -8.85 -5.41 -40.60
N MET B 236 -9.43 -6.14 -39.65
CA MET B 236 -8.85 -7.43 -39.22
C MET B 236 -9.02 -8.49 -40.31
N TYR B 237 -10.18 -8.50 -40.95
CA TYR B 237 -10.42 -9.40 -42.08
C TYR B 237 -9.37 -9.21 -43.20
N ASN B 238 -9.16 -7.96 -43.61
CA ASN B 238 -8.13 -7.63 -44.60
C ASN B 238 -6.68 -8.00 -44.16
N ILE B 239 -6.36 -7.76 -42.89
CA ILE B 239 -5.05 -8.10 -42.35
C ILE B 239 -4.77 -9.60 -42.37
N ILE B 240 -5.81 -10.39 -42.06
CA ILE B 240 -5.74 -11.84 -42.13
C ILE B 240 -5.41 -12.28 -43.57
N GLN B 241 -6.17 -11.78 -44.54
CA GLN B 241 -5.93 -12.09 -45.95
C GLN B 241 -4.56 -11.59 -46.35
N ALA B 242 -4.16 -10.43 -45.84
CA ALA B 242 -2.86 -9.91 -46.19
C ALA B 242 -1.79 -10.83 -45.64
N HIS B 243 -2.00 -11.39 -44.46
CA HIS B 243 -1.02 -12.32 -43.97
C HIS B 243 -0.90 -13.53 -44.92
N ALA B 244 -2.04 -14.15 -45.27
CA ALA B 244 -2.02 -15.35 -46.13
C ALA B 244 -1.37 -15.07 -47.51
N ARG B 245 -1.69 -13.94 -48.11
CA ARG B 245 -1.11 -13.60 -49.40
C ARG B 245 0.40 -13.31 -49.28
N ALA B 246 0.81 -12.68 -48.18
CA ALA B 246 2.23 -12.42 -47.94
C ALA B 246 2.99 -13.73 -47.73
N TYR B 247 2.36 -14.65 -47.03
CA TYR B 247 2.93 -15.98 -46.87
C TYR B 247 3.22 -16.63 -48.27
N ASP B 248 2.21 -16.66 -49.13
CA ASP B 248 2.31 -17.28 -50.47
C ASP B 248 3.34 -16.54 -51.29
N GLY B 249 3.33 -15.21 -51.22
CA GLY B 249 4.34 -14.38 -51.84
C GLY B 249 5.77 -14.71 -51.41
N ILE B 250 6.01 -14.83 -50.11
CA ILE B 250 7.37 -15.15 -49.66
C ILE B 250 7.74 -16.58 -50.11
N LYS B 251 6.81 -17.52 -49.99
CA LYS B 251 7.09 -18.90 -50.38
C LYS B 251 7.36 -19.05 -51.90
N SER B 252 6.96 -18.07 -52.70
CA SER B 252 7.20 -18.18 -54.13
C SER B 252 8.68 -17.88 -54.47
N VAL B 253 9.41 -17.44 -53.46
CA VAL B 253 10.71 -16.84 -53.66
C VAL B 253 11.72 -17.42 -52.67
N SER B 254 11.23 -18.14 -51.67
CA SER B 254 12.07 -18.63 -50.58
C SER B 254 11.51 -19.91 -49.99
N LYS B 255 12.38 -20.78 -49.50
CA LYS B 255 11.95 -22.01 -48.84
C LYS B 255 11.92 -21.90 -47.29
N LYS B 256 12.38 -20.75 -46.78
CA LYS B 256 12.55 -20.54 -45.33
C LYS B 256 11.25 -20.36 -44.53
N PRO B 257 11.29 -20.64 -43.23
CA PRO B 257 10.07 -20.63 -42.39
C PRO B 257 9.38 -19.25 -42.36
N VAL B 258 8.05 -19.21 -42.51
CA VAL B 258 7.29 -17.96 -42.47
C VAL B 258 6.29 -18.03 -41.32
N GLY B 259 6.40 -17.06 -40.40
CA GLY B 259 5.49 -17.00 -39.28
C GLY B 259 4.76 -15.68 -39.12
N ILE B 260 4.29 -15.43 -37.91
CA ILE B 260 3.61 -14.18 -37.58
C ILE B 260 3.79 -13.89 -36.09
N ILE B 261 3.84 -12.60 -35.74
CA ILE B 261 4.06 -12.17 -34.35
C ILE B 261 2.79 -11.49 -33.84
N TYR B 262 2.30 -11.93 -32.68
CA TYR B 262 0.97 -11.52 -32.21
C TYR B 262 0.97 -11.11 -30.71
N ALA B 263 0.14 -10.12 -30.35
CA ALA B 263 0.06 -9.63 -28.97
C ALA B 263 -0.83 -10.54 -28.14
N ASN B 264 -0.28 -11.05 -27.06
CA ASN B 264 -1.04 -11.95 -26.17
C ASN B 264 -1.14 -11.40 -24.77
N SER B 265 -2.29 -11.65 -24.15
CA SER B 265 -2.44 -11.58 -22.70
C SER B 265 -2.72 -12.98 -22.17
N SER B 266 -2.39 -13.23 -20.91
CA SER B 266 -2.86 -14.45 -20.28
C SER B 266 -4.19 -14.18 -19.56
N PHE B 267 -5.23 -14.86 -20.00
CA PHE B 267 -6.56 -14.61 -19.48
C PHE B 267 -6.74 -15.47 -18.24
N GLN B 268 -7.15 -14.82 -17.15
CA GLN B 268 -7.20 -15.36 -15.81
C GLN B 268 -8.57 -15.09 -15.19
N PRO B 269 -9.12 -16.09 -14.51
CA PRO B 269 -10.44 -15.97 -13.87
C PRO B 269 -10.40 -15.17 -12.56
N LEU B 270 -11.31 -14.22 -12.40
CA LEU B 270 -11.42 -13.46 -11.16
C LEU B 270 -11.70 -14.38 -9.95
N THR B 271 -12.73 -15.23 -10.08
CA THR B 271 -13.06 -16.27 -9.09
C THR B 271 -13.02 -17.63 -9.80
N ASP B 272 -13.13 -18.72 -9.05
CA ASP B 272 -13.18 -20.05 -9.68
C ASP B 272 -14.48 -20.36 -10.45
N LYS B 273 -15.42 -19.42 -10.41
CA LYS B 273 -16.64 -19.48 -11.22
C LYS B 273 -16.49 -18.90 -12.64
N ASP B 274 -15.27 -18.48 -13.00
CA ASP B 274 -15.07 -17.68 -14.22
C ASP B 274 -14.23 -18.35 -15.31
N MET B 275 -14.09 -19.67 -15.22
CA MET B 275 -13.27 -20.45 -16.14
C MET B 275 -13.77 -20.45 -17.59
N GLU B 276 -15.09 -20.48 -17.75
CA GLU B 276 -15.70 -20.36 -19.07
C GLU B 276 -15.43 -18.99 -19.67
N ALA B 277 -15.48 -17.96 -18.82
CA ALA B 277 -15.18 -16.59 -19.26
C ALA B 277 -13.76 -16.49 -19.84
N VAL B 278 -12.81 -17.21 -19.23
CA VAL B 278 -11.44 -17.28 -19.72
C VAL B 278 -11.42 -17.87 -21.15
N GLU B 279 -12.16 -18.95 -21.36
CA GLU B 279 -12.20 -19.60 -22.66
C GLU B 279 -12.82 -18.72 -23.76
N MET B 280 -13.93 -18.08 -23.46
CA MET B 280 -14.54 -17.10 -24.35
C MET B 280 -13.58 -15.95 -24.69
N ALA B 281 -12.88 -15.43 -23.68
CA ALA B 281 -11.87 -14.41 -23.91
C ALA B 281 -10.74 -14.92 -24.83
N GLU B 282 -10.33 -16.16 -24.63
CA GLU B 282 -9.28 -16.75 -25.46
C GLU B 282 -9.76 -16.92 -26.91
N ASN B 283 -11.01 -17.35 -27.06
CA ASN B 283 -11.64 -17.44 -28.38
C ASN B 283 -11.64 -16.09 -29.09
N ASP B 284 -12.13 -15.06 -28.41
CA ASP B 284 -12.36 -13.76 -29.01
C ASP B 284 -11.07 -12.97 -29.26
N ASN B 285 -10.00 -13.31 -28.53
CA ASN B 285 -8.77 -12.51 -28.61
C ASN B 285 -7.62 -13.24 -29.28
N ARG B 286 -7.76 -14.54 -29.48
CA ARG B 286 -6.62 -15.34 -29.89
C ARG B 286 -6.94 -16.41 -30.96
N TRP B 287 -7.79 -17.36 -30.56
CA TRP B 287 -8.06 -18.54 -31.36
C TRP B 287 -8.75 -18.21 -32.67
N TRP B 288 -9.71 -17.29 -32.65
CA TRP B 288 -10.42 -16.94 -33.87
C TRP B 288 -9.42 -16.54 -34.95
N PHE B 289 -8.36 -15.82 -34.54
CA PHE B 289 -7.40 -15.32 -35.51
C PHE B 289 -6.52 -16.45 -36.04
N PHE B 290 -5.97 -17.23 -35.13
CA PHE B 290 -5.08 -18.33 -35.48
C PHE B 290 -5.76 -19.52 -36.20
N ASP B 291 -7.02 -19.80 -35.81
CA ASP B 291 -7.86 -20.76 -36.53
C ASP B 291 -8.07 -20.32 -37.97
N ALA B 292 -8.14 -19.01 -38.22
CA ALA B 292 -8.22 -18.51 -39.60
C ALA B 292 -6.99 -18.83 -40.42
N ILE B 293 -5.82 -18.47 -39.94
CA ILE B 293 -4.63 -18.56 -40.78
C ILE B 293 -3.98 -19.93 -40.73
N ILE B 294 -4.40 -20.77 -39.77
CA ILE B 294 -3.86 -22.13 -39.69
C ILE B 294 -4.86 -23.15 -40.26
N ARG B 295 -6.12 -23.03 -39.87
CA ARG B 295 -7.13 -24.00 -40.26
C ARG B 295 -8.05 -23.48 -41.37
N GLY B 296 -7.90 -22.20 -41.73
CA GLY B 296 -8.77 -21.56 -42.70
C GLY B 296 -10.19 -21.27 -42.24
N GLU B 297 -10.47 -21.40 -40.95
CA GLU B 297 -11.80 -21.17 -40.39
C GLU B 297 -12.07 -19.70 -40.09
N ILE B 298 -13.11 -19.14 -40.70
CA ILE B 298 -13.39 -17.72 -40.58
C ILE B 298 -14.90 -17.47 -40.66
N THR B 299 -15.29 -16.23 -40.38
CA THR B 299 -16.68 -15.77 -40.53
C THR B 299 -16.81 -14.47 -41.36
N GLU B 303 -21.76 -16.01 -41.60
CA GLU B 303 -21.65 -17.46 -41.72
C GLU B 303 -20.22 -18.02 -41.53
N LYS B 304 -20.12 -19.22 -40.93
CA LYS B 304 -18.82 -19.83 -40.59
C LYS B 304 -18.27 -20.80 -41.65
N ILE B 305 -17.32 -20.33 -42.48
CA ILE B 305 -16.76 -21.11 -43.60
C ILE B 305 -15.29 -21.55 -43.45
N VAL B 306 -14.83 -22.37 -44.38
CA VAL B 306 -13.42 -22.75 -44.52
C VAL B 306 -12.86 -22.20 -45.85
N ARG B 307 -11.84 -21.37 -45.79
CA ARG B 307 -11.23 -20.82 -47.01
C ARG B 307 -9.92 -21.54 -47.28
N ASP B 308 -9.83 -22.20 -48.44
CA ASP B 308 -8.63 -22.96 -48.79
C ASP B 308 -7.42 -22.08 -49.04
N ASP B 309 -7.65 -20.83 -49.39
CA ASP B 309 -6.55 -19.89 -49.58
C ASP B 309 -5.96 -19.37 -48.25
N LEU B 310 -6.66 -19.60 -47.14
CA LEU B 310 -6.22 -19.18 -45.80
C LEU B 310 -5.56 -20.32 -45.05
N LYS B 311 -6.04 -21.54 -45.31
CA LYS B 311 -5.59 -22.73 -44.61
C LYS B 311 -4.08 -22.99 -44.74
N GLY B 312 -3.46 -23.31 -43.60
CA GLY B 312 -2.06 -23.78 -43.55
C GLY B 312 -1.00 -22.71 -43.77
N ARG B 313 -1.37 -21.44 -43.68
CA ARG B 313 -0.43 -20.35 -44.00
C ARG B 313 0.39 -19.88 -42.78
N LEU B 314 1.10 -20.81 -42.13
CA LEU B 314 1.89 -20.48 -40.95
C LEU B 314 2.82 -21.61 -40.57
N ASP B 315 4.10 -21.29 -40.38
CA ASP B 315 5.12 -22.28 -39.96
C ASP B 315 5.50 -22.12 -38.49
N TRP B 316 5.36 -20.91 -37.94
CA TRP B 316 5.70 -20.70 -36.53
C TRP B 316 4.96 -19.50 -35.92
N ILE B 317 4.91 -19.47 -34.58
CA ILE B 317 4.16 -18.46 -33.85
C ILE B 317 5.10 -17.63 -32.98
N GLY B 318 5.08 -16.32 -33.22
CA GLY B 318 5.79 -15.38 -32.39
C GLY B 318 4.90 -14.93 -31.25
N VAL B 319 5.30 -15.27 -30.03
CA VAL B 319 4.53 -14.96 -28.86
C VAL B 319 5.03 -13.66 -28.20
N ASN B 320 4.20 -12.63 -28.21
CA ASN B 320 4.51 -11.40 -27.50
C ASN B 320 3.73 -11.47 -26.20
N TYR B 321 4.36 -11.10 -25.10
CA TYR B 321 3.69 -11.21 -23.81
C TYR B 321 4.21 -10.18 -22.81
N TYR B 322 3.30 -9.49 -22.12
CA TYR B 322 3.68 -8.61 -20.99
C TYR B 322 3.04 -8.93 -19.64
N THR B 323 1.75 -9.29 -19.66
CA THR B 323 0.97 -9.34 -18.43
C THR B 323 -0.33 -10.08 -18.67
N ARG B 324 -1.14 -10.20 -17.64
CA ARG B 324 -2.38 -10.95 -17.68
C ARG B 324 -3.57 -10.02 -17.94
N THR B 325 -4.74 -10.61 -18.17
CA THR B 325 -6.02 -9.89 -18.16
C THR B 325 -6.96 -10.71 -17.29
N VAL B 326 -7.54 -10.09 -16.28
CA VAL B 326 -8.45 -10.80 -15.40
C VAL B 326 -9.87 -10.61 -15.95
N VAL B 327 -10.59 -11.71 -16.12
CA VAL B 327 -11.97 -11.63 -16.63
C VAL B 327 -12.98 -12.26 -15.68
N LYS B 328 -14.22 -11.79 -15.77
CA LYS B 328 -15.33 -12.44 -15.07
C LYS B 328 -16.52 -12.71 -16.00
N ARG B 329 -17.30 -13.75 -15.66
CA ARG B 329 -18.55 -14.07 -16.36
C ARG B 329 -19.60 -12.97 -16.18
N THR B 330 -20.30 -12.65 -17.27
CA THR B 330 -21.43 -11.72 -17.27
C THR B 330 -22.65 -12.47 -17.78
N GLU B 331 -23.84 -11.88 -17.62
CA GLU B 331 -25.07 -12.40 -18.24
C GLU B 331 -24.89 -12.47 -19.78
N LYS B 332 -24.46 -11.34 -20.34
CA LYS B 332 -24.27 -11.21 -21.78
C LYS B 332 -22.97 -11.82 -22.33
N GLY B 333 -22.09 -12.28 -21.43
CA GLY B 333 -20.80 -12.84 -21.83
C GLY B 333 -19.70 -12.77 -20.77
N TYR B 334 -18.75 -11.87 -20.97
CA TYR B 334 -17.60 -11.69 -20.07
C TYR B 334 -17.08 -10.27 -20.11
N VAL B 335 -16.48 -9.82 -19.02
CA VAL B 335 -15.76 -8.54 -19.01
C VAL B 335 -14.36 -8.65 -18.40
N SER B 336 -13.47 -7.77 -18.88
CA SER B 336 -12.15 -7.56 -18.30
C SER B 336 -12.24 -6.63 -17.10
N LEU B 337 -11.37 -6.83 -16.10
CA LEU B 337 -11.39 -5.99 -14.89
C LEU B 337 -10.22 -5.01 -14.82
N GLY B 338 -10.52 -3.74 -14.53
CA GLY B 338 -9.49 -2.75 -14.24
C GLY B 338 -8.81 -3.05 -12.90
N GLY B 339 -7.58 -2.57 -12.70
CA GLY B 339 -6.86 -2.86 -11.48
C GLY B 339 -5.93 -4.08 -11.56
N TYR B 340 -5.96 -4.76 -12.71
CA TYR B 340 -5.08 -5.88 -13.00
C TYR B 340 -4.49 -5.73 -14.39
N GLY B 341 -3.49 -6.57 -14.68
CA GLY B 341 -2.91 -6.64 -16.00
C GLY B 341 -2.45 -5.30 -16.52
N HIS B 342 -2.90 -4.91 -17.70
CA HIS B 342 -2.48 -3.61 -18.26
C HIS B 342 -3.30 -2.43 -17.78
N GLY B 343 -4.33 -2.68 -16.99
CA GLY B 343 -5.18 -1.60 -16.52
C GLY B 343 -4.92 -1.13 -15.08
N CYS B 344 -3.65 -0.98 -14.72
CA CYS B 344 -3.28 -0.52 -13.37
C CYS B 344 -2.72 0.90 -13.35
N GLU B 345 -2.56 1.42 -12.15
CA GLU B 345 -1.85 2.68 -11.95
C GLU B 345 -0.38 2.43 -12.21
N ARG B 346 0.27 3.43 -12.78
CA ARG B 346 1.70 3.45 -13.03
C ARG B 346 2.51 3.45 -11.72
N ASN B 347 3.57 2.66 -11.65
CA ASN B 347 4.48 2.68 -10.50
C ASN B 347 3.69 2.54 -9.20
N SER B 348 2.96 1.46 -9.08
CA SER B 348 2.10 1.26 -7.97
C SER B 348 1.97 -0.25 -7.77
N VAL B 349 0.82 -0.68 -7.24
CA VAL B 349 0.53 -2.12 -7.05
C VAL B 349 -0.84 -2.40 -7.64
N SER B 350 -1.04 -3.60 -8.13
CA SER B 350 -2.35 -4.00 -8.64
C SER B 350 -3.32 -4.27 -7.50
N LEU B 351 -4.59 -4.50 -7.82
CA LEU B 351 -5.54 -5.02 -6.83
C LEU B 351 -5.11 -6.36 -6.16
N ALA B 352 -4.23 -7.12 -6.80
CA ALA B 352 -3.65 -8.33 -6.19
C ALA B 352 -2.36 -8.09 -5.39
N GLY B 353 -1.94 -6.84 -5.24
CA GLY B 353 -0.72 -6.53 -4.48
C GLY B 353 0.57 -6.74 -5.26
N LEU B 354 0.45 -6.86 -6.58
CA LEU B 354 1.64 -7.11 -7.42
C LEU B 354 2.13 -5.79 -8.02
N PRO B 355 3.45 -5.60 -8.12
CA PRO B 355 3.98 -4.30 -8.57
C PRO B 355 3.68 -4.04 -10.04
N THR B 356 3.46 -2.77 -10.37
CA THR B 356 3.23 -2.37 -11.76
C THR B 356 4.42 -1.54 -12.31
N SER B 357 4.54 -1.51 -13.63
CA SER B 357 5.63 -0.86 -14.33
C SER B 357 5.43 0.64 -14.48
N ASP B 358 6.36 1.32 -15.16
CA ASP B 358 6.21 2.74 -15.52
C ASP B 358 4.95 2.95 -16.39
N PHE B 359 4.49 1.88 -17.05
CA PHE B 359 3.34 1.91 -17.95
C PHE B 359 2.05 1.45 -17.24
N GLY B 360 2.12 1.07 -15.96
CA GLY B 360 0.96 0.54 -15.26
C GLY B 360 0.62 -0.90 -15.59
N TRP B 361 1.63 -1.70 -15.98
CA TRP B 361 1.39 -3.12 -16.27
C TRP B 361 1.86 -4.03 -15.12
N GLU B 362 0.97 -4.93 -14.72
CA GLU B 362 1.16 -5.82 -13.56
C GLU B 362 2.18 -6.93 -13.82
N PHE B 363 3.01 -7.17 -12.83
CA PHE B 363 4.02 -8.24 -12.84
C PHE B 363 3.32 -9.59 -12.71
N PHE B 364 3.38 -10.43 -13.76
CA PHE B 364 2.68 -11.74 -13.76
C PHE B 364 3.34 -12.75 -14.70
N PRO B 365 4.54 -13.19 -14.37
CA PRO B 365 5.32 -14.04 -15.27
C PRO B 365 4.66 -15.40 -15.57
N GLU B 366 3.84 -15.93 -14.68
CA GLU B 366 3.14 -17.22 -14.89
C GLU B 366 2.31 -17.18 -16.17
N GLY B 367 1.74 -16.03 -16.48
CA GLY B 367 1.00 -15.88 -17.72
C GLY B 367 1.72 -16.34 -18.98
N LEU B 368 3.03 -16.22 -19.02
CA LEU B 368 3.78 -16.59 -20.21
C LEU B 368 3.77 -18.10 -20.43
N TYR B 369 3.90 -18.84 -19.34
CA TYR B 369 3.80 -20.30 -19.37
C TYR B 369 2.43 -20.69 -19.85
N ASP B 370 1.41 -20.04 -19.30
CA ASP B 370 0.04 -20.26 -19.71
C ASP B 370 -0.06 -20.09 -21.25
N VAL B 371 0.46 -18.98 -21.78
CA VAL B 371 0.27 -18.65 -23.20
C VAL B 371 1.07 -19.60 -24.08
N LEU B 372 2.33 -19.84 -23.73
CA LEU B 372 3.14 -20.76 -24.50
C LEU B 372 2.52 -22.18 -24.59
N THR B 373 2.03 -22.71 -23.48
CA THR B 373 1.52 -24.09 -23.49
C THR B 373 0.15 -24.17 -24.14
N LYS B 374 -0.68 -23.14 -23.97
CA LYS B 374 -1.94 -23.17 -24.71
C LYS B 374 -1.74 -23.18 -26.24
N TYR B 375 -0.83 -22.36 -26.77
CA TYR B 375 -0.60 -22.37 -28.21
C TYR B 375 -0.12 -23.76 -28.60
N TRP B 376 0.80 -24.30 -27.81
CA TRP B 376 1.43 -25.55 -28.18
C TRP B 376 0.40 -26.68 -28.24
N ASN B 377 -0.46 -26.73 -27.25
CA ASN B 377 -1.45 -27.79 -27.17
C ASN B 377 -2.54 -27.69 -28.26
N ARG B 378 -2.71 -26.50 -28.84
CA ARG B 378 -3.78 -26.34 -29.82
C ARG B 378 -3.29 -26.62 -31.23
N TYR B 379 -2.09 -26.13 -31.55
CA TYR B 379 -1.60 -26.11 -32.93
C TYR B 379 -0.33 -26.91 -33.17
N HIS B 380 0.48 -27.15 -32.12
CA HIS B 380 1.76 -27.84 -32.27
C HIS B 380 2.72 -27.23 -33.27
N LEU B 381 2.70 -25.89 -33.36
CA LEU B 381 3.70 -25.16 -34.11
C LEU B 381 4.79 -24.69 -33.15
N TYR B 382 6.04 -24.71 -33.58
CA TYR B 382 7.10 -24.17 -32.75
C TYR B 382 6.98 -22.63 -32.59
N MET B 383 7.55 -22.11 -31.51
CA MET B 383 7.36 -20.72 -31.14
C MET B 383 8.67 -20.05 -30.81
N TYR B 384 8.69 -18.73 -31.01
CA TYR B 384 9.67 -17.88 -30.33
C TYR B 384 8.92 -16.96 -29.39
N VAL B 385 9.56 -16.56 -28.28
CA VAL B 385 9.05 -15.41 -27.55
C VAL B 385 9.64 -14.22 -28.24
N THR B 386 8.82 -13.49 -28.96
CA THR B 386 9.33 -12.45 -29.83
C THR B 386 9.28 -11.08 -29.17
N GLU B 387 8.55 -10.97 -28.07
CA GLU B 387 8.56 -9.69 -27.33
C GLU B 387 8.20 -9.93 -25.86
N ASN B 388 9.00 -9.38 -24.96
CA ASN B 388 8.76 -9.47 -23.52
C ASN B 388 9.69 -8.51 -22.81
N GLY B 389 9.14 -7.68 -21.95
CA GLY B 389 9.94 -6.63 -21.33
C GLY B 389 9.11 -5.73 -20.47
N ILE B 390 9.71 -4.65 -19.99
CA ILE B 390 9.05 -3.80 -19.03
C ILE B 390 9.50 -2.37 -19.21
N ALA B 391 8.55 -1.46 -19.09
CA ALA B 391 8.88 -0.04 -19.05
C ALA B 391 9.43 0.29 -17.66
N ASP B 392 10.73 0.58 -17.58
CA ASP B 392 11.41 0.74 -16.30
C ASP B 392 12.72 1.49 -16.49
N ASP B 393 12.66 2.81 -16.43
CA ASP B 393 13.84 3.67 -16.67
C ASP B 393 14.88 3.49 -15.55
N ALA B 394 14.40 3.34 -14.31
CA ALA B 394 15.28 3.22 -13.14
C ALA B 394 15.99 1.85 -13.00
N ASP B 395 15.51 0.85 -13.72
CA ASP B 395 15.95 -0.55 -13.63
C ASP B 395 15.61 -1.29 -12.31
N TYR B 396 14.63 -0.81 -11.55
CA TYR B 396 14.26 -1.43 -10.28
C TYR B 396 13.70 -2.84 -10.47
N GLN B 397 12.74 -2.99 -11.39
CA GLN B 397 12.02 -4.26 -11.54
C GLN B 397 12.57 -5.17 -12.63
N ARG B 398 13.23 -4.58 -13.63
CA ARG B 398 13.68 -5.37 -14.80
C ARG B 398 14.53 -6.64 -14.50
N PRO B 399 15.54 -6.58 -13.59
CA PRO B 399 16.29 -7.81 -13.29
C PRO B 399 15.33 -8.95 -12.91
N TYR B 400 14.34 -8.68 -12.07
CA TYR B 400 13.36 -9.69 -11.65
C TYR B 400 12.47 -10.07 -12.83
N TYR B 401 12.04 -9.05 -13.59
CA TYR B 401 11.12 -9.28 -14.70
C TYR B 401 11.81 -10.23 -15.72
N LEU B 402 13.04 -9.91 -16.08
CA LEU B 402 13.82 -10.69 -17.00
C LEU B 402 14.00 -12.13 -16.54
N VAL B 403 14.57 -12.33 -15.36
CA VAL B 403 14.83 -13.71 -14.92
C VAL B 403 13.55 -14.54 -14.73
N SER B 404 12.51 -13.92 -14.18
CA SER B 404 11.24 -14.62 -13.96
C SER B 404 10.62 -15.10 -15.28
N HIS B 405 10.63 -14.27 -16.31
CA HIS B 405 10.00 -14.66 -17.57
C HIS B 405 10.81 -15.69 -18.29
N VAL B 406 12.13 -15.58 -18.18
CA VAL B 406 12.98 -16.51 -18.86
C VAL B 406 12.78 -17.88 -18.19
N TYR B 407 12.58 -17.87 -16.88
CA TYR B 407 12.28 -19.09 -16.14
C TYR B 407 10.99 -19.74 -16.66
N GLN B 408 9.94 -18.95 -16.84
CA GLN B 408 8.69 -19.51 -17.34
C GLN B 408 8.85 -20.15 -18.74
N VAL B 409 9.70 -19.58 -19.60
CA VAL B 409 10.01 -20.21 -20.88
C VAL B 409 10.65 -21.62 -20.66
N HIS B 410 11.63 -21.69 -19.77
CA HIS B 410 12.20 -22.97 -19.35
C HIS B 410 11.11 -23.93 -18.90
N ARG B 411 10.17 -23.44 -18.11
CA ARG B 411 9.06 -24.24 -17.64
C ARG B 411 8.26 -24.78 -18.83
N ALA B 412 8.04 -23.93 -19.82
CA ALA B 412 7.23 -24.34 -20.98
C ALA B 412 7.94 -25.43 -21.78
N ILE B 413 9.25 -25.28 -21.98
CA ILE B 413 10.01 -26.27 -22.72
C ILE B 413 9.94 -27.61 -21.96
N ASN B 414 10.16 -27.55 -20.64
CA ASN B 414 10.17 -28.75 -19.79
C ASN B 414 8.86 -29.54 -19.88
N SER B 415 7.76 -28.84 -20.12
CA SER B 415 6.46 -29.47 -20.27
C SER B 415 6.18 -30.00 -21.70
N GLY B 416 7.13 -29.79 -22.63
CA GLY B 416 7.00 -30.32 -23.98
C GLY B 416 6.89 -29.33 -25.12
N ALA B 417 6.55 -28.07 -24.82
CA ALA B 417 6.38 -27.02 -25.84
C ALA B 417 7.67 -26.74 -26.59
N ASP B 418 7.57 -26.64 -27.92
CA ASP B 418 8.73 -26.36 -28.75
C ASP B 418 8.94 -24.82 -28.87
N VAL B 419 9.81 -24.28 -28.01
CA VAL B 419 10.11 -22.84 -27.97
C VAL B 419 11.58 -22.69 -28.25
N ARG B 420 11.94 -21.86 -29.21
CA ARG B 420 13.29 -21.93 -29.76
C ARG B 420 14.13 -20.72 -29.47
N GLY B 421 13.54 -19.72 -28.85
CA GLY B 421 14.31 -18.52 -28.50
C GLY B 421 13.52 -17.57 -27.66
N TYR B 422 14.21 -16.62 -27.04
CA TYR B 422 13.60 -15.59 -26.22
C TYR B 422 14.23 -14.28 -26.65
N LEU B 423 13.39 -13.33 -27.06
CA LEU B 423 13.86 -12.06 -27.60
C LEU B 423 13.25 -10.97 -26.74
N HIS B 424 14.12 -10.29 -26.00
CA HIS B 424 13.65 -9.31 -25.04
C HIS B 424 13.23 -8.04 -25.77
N TRP B 425 12.14 -7.40 -25.35
CA TRP B 425 11.81 -6.06 -25.82
C TRP B 425 12.29 -5.02 -24.78
N SER B 426 13.34 -4.24 -25.05
CA SER B 426 14.16 -4.27 -26.26
C SER B 426 15.66 -4.10 -25.90
N LEU B 427 16.55 -4.13 -26.91
CA LEU B 427 17.95 -3.88 -26.63
C LEU B 427 18.16 -2.47 -26.02
N ALA B 428 17.57 -1.45 -26.62
CA ALA B 428 17.74 -0.08 -26.15
C ALA B 428 16.38 0.60 -26.04
N ASP B 429 16.31 1.68 -25.27
CA ASP B 429 15.13 2.54 -25.24
C ASP B 429 14.75 2.97 -26.67
N ASN B 430 13.48 3.23 -26.87
CA ASN B 430 13.00 3.67 -28.17
C ASN B 430 11.70 4.47 -28.04
N TYR B 431 11.17 4.91 -29.18
CA TYR B 431 10.00 5.79 -29.27
C TYR B 431 8.75 4.95 -29.08
N GLU B 432 8.10 5.08 -27.92
CA GLU B 432 6.93 4.22 -27.62
C GLU B 432 5.64 4.81 -28.15
N TRP B 433 5.53 4.88 -29.47
CA TRP B 433 4.26 5.22 -30.16
C TRP B 433 3.63 6.51 -29.63
N ALA B 434 2.33 6.48 -29.30
CA ALA B 434 1.60 7.65 -28.80
C ALA B 434 2.15 8.20 -27.44
N SER B 435 2.84 7.33 -26.70
CA SER B 435 3.45 7.63 -25.39
C SER B 435 4.79 8.38 -25.49
N GLY B 436 5.44 8.31 -26.64
CA GLY B 436 6.67 9.07 -26.83
C GLY B 436 7.86 8.36 -26.20
N PHE B 437 8.85 9.15 -25.81
CA PHE B 437 10.06 8.58 -25.24
C PHE B 437 10.06 8.21 -23.75
N SER B 438 9.04 8.62 -23.01
CA SER B 438 9.02 8.42 -21.55
C SER B 438 8.96 6.94 -21.11
N MET B 439 8.43 6.05 -21.96
CA MET B 439 8.37 4.62 -21.68
C MET B 439 9.63 3.93 -22.20
N ARG B 440 10.49 3.57 -21.25
CA ARG B 440 11.83 3.09 -21.55
C ARG B 440 11.96 1.60 -21.28
N PHE B 441 12.05 0.81 -22.36
CA PHE B 441 12.05 -0.66 -22.27
C PHE B 441 13.44 -1.25 -22.47
N GLY B 442 14.45 -0.41 -22.70
CA GLY B 442 15.78 -0.94 -23.00
C GLY B 442 16.53 -1.68 -21.90
N LEU B 443 17.25 -2.72 -22.31
CA LEU B 443 18.32 -3.26 -21.48
C LEU B 443 19.43 -2.20 -21.41
N LEU B 444 19.49 -1.38 -22.46
CA LEU B 444 20.40 -0.24 -22.53
C LEU B 444 19.60 1.06 -22.46
N LYS B 445 20.07 2.00 -21.64
CA LYS B 445 19.50 3.32 -21.54
C LYS B 445 20.07 4.18 -22.66
N VAL B 446 19.20 4.98 -23.27
CA VAL B 446 19.59 5.93 -24.32
C VAL B 446 19.53 7.33 -23.77
N ASP B 447 20.62 8.06 -23.88
CA ASP B 447 20.61 9.50 -23.67
C ASP B 447 20.28 10.09 -25.06
N TYR B 448 19.08 10.66 -25.20
CA TYR B 448 18.59 11.11 -26.48
C TYR B 448 19.32 12.39 -27.02
N ASN B 449 20.00 13.11 -26.15
CA ASN B 449 20.79 14.29 -26.53
C ASN B 449 22.03 13.86 -27.31
N THR B 450 22.67 12.76 -26.90
CA THR B 450 23.94 12.33 -27.52
C THR B 450 23.80 11.02 -28.26
N LYS B 451 22.67 10.34 -28.11
CA LYS B 451 22.47 8.98 -28.66
C LYS B 451 23.43 7.92 -28.05
N ARG B 452 24.10 8.26 -26.95
CA ARG B 452 24.97 7.29 -26.28
C ARG B 452 24.16 6.21 -25.57
N LEU B 453 24.63 4.96 -25.62
CA LEU B 453 23.98 3.84 -24.94
C LEU B 453 24.70 3.47 -23.63
N TYR B 454 23.92 3.19 -22.57
CA TYR B 454 24.48 2.76 -21.28
C TYR B 454 23.85 1.44 -20.86
N TRP B 455 24.65 0.61 -20.18
CA TRP B 455 24.19 -0.69 -19.69
C TRP B 455 23.50 -0.53 -18.36
N ARG B 456 22.19 -0.74 -18.32
CA ARG B 456 21.48 -0.87 -17.05
C ARG B 456 21.94 -2.18 -16.42
N PRO B 457 21.93 -2.28 -15.09
CA PRO B 457 22.30 -3.55 -14.44
C PRO B 457 21.58 -4.80 -15.03
N SER B 458 20.33 -4.69 -15.46
CA SER B 458 19.65 -5.79 -16.15
C SER B 458 20.37 -6.31 -17.40
N ALA B 459 21.07 -5.43 -18.13
CA ALA B 459 21.87 -5.86 -19.28
C ALA B 459 23.01 -6.79 -18.84
N LEU B 460 23.65 -6.49 -17.70
CA LEU B 460 24.69 -7.35 -17.14
C LEU B 460 24.05 -8.69 -16.73
N VAL B 461 22.83 -8.65 -16.18
CA VAL B 461 22.12 -9.89 -15.81
C VAL B 461 21.83 -10.70 -17.08
N TYR B 462 21.42 -10.04 -18.16
CA TYR B 462 21.07 -10.74 -19.42
C TYR B 462 22.33 -11.35 -20.05
N ARG B 463 23.45 -10.63 -19.96
CA ARG B 463 24.71 -11.17 -20.40
C ARG B 463 25.01 -12.49 -19.69
N GLU B 464 24.80 -12.56 -18.38
CA GLU B 464 24.95 -13.82 -17.66
C GLU B 464 24.10 -14.93 -18.26
N ILE B 465 22.82 -14.64 -18.49
CA ILE B 465 21.90 -15.64 -19.03
C ILE B 465 22.32 -16.12 -20.42
N ALA B 466 22.64 -15.16 -21.30
CA ALA B 466 22.88 -15.45 -22.70
C ALA B 466 24.22 -16.17 -22.94
N THR B 467 25.29 -15.68 -22.31
CA THR B 467 26.62 -16.28 -22.36
C THR B 467 26.63 -17.72 -21.83
N ASN B 468 25.79 -18.00 -20.83
CA ASN B 468 25.73 -19.33 -20.26
C ASN B 468 24.62 -20.21 -20.82
N GLY B 469 23.71 -19.63 -21.59
CA GLY B 469 22.55 -20.38 -22.06
C GLY B 469 21.72 -20.94 -20.89
N ALA B 470 21.67 -20.15 -19.80
CA ALA B 470 20.99 -20.60 -18.59
C ALA B 470 20.75 -19.47 -17.60
N ILE B 471 19.72 -19.62 -16.77
CA ILE B 471 19.68 -18.87 -15.52
C ILE B 471 20.68 -19.57 -14.63
N THR B 472 21.79 -18.91 -14.36
CA THR B 472 22.85 -19.50 -13.53
C THR B 472 22.44 -19.49 -12.05
N ASP B 473 23.12 -20.33 -11.27
CA ASP B 473 22.92 -20.42 -9.82
C ASP B 473 22.98 -19.06 -9.15
N GLU B 474 23.93 -18.25 -9.55
CA GLU B 474 24.13 -16.97 -8.89
C GLU B 474 23.01 -15.90 -9.02
N ILE B 475 22.13 -16.04 -10.03
CA ILE B 475 21.11 -15.02 -10.30
C ILE B 475 19.72 -15.60 -10.13
N GLU B 476 19.68 -16.82 -9.63
CA GLU B 476 18.42 -17.55 -9.48
C GLU B 476 17.43 -16.94 -8.50
N HIS B 477 17.92 -16.12 -7.58
CA HIS B 477 17.02 -15.46 -6.63
C HIS B 477 16.12 -14.46 -7.37
N LEU B 478 16.55 -14.00 -8.55
CA LEU B 478 15.79 -12.98 -9.30
C LEU B 478 14.53 -13.56 -9.92
N ASN B 479 14.31 -14.88 -9.79
CA ASN B 479 13.08 -15.51 -10.26
C ASN B 479 12.04 -15.40 -9.15
N SER B 480 11.61 -14.16 -8.92
CA SER B 480 10.68 -13.79 -7.84
C SER B 480 10.06 -12.43 -8.16
N VAL B 481 9.05 -12.05 -7.39
CA VAL B 481 8.41 -10.76 -7.49
C VAL B 481 9.30 -9.65 -6.89
N PRO B 482 9.49 -8.53 -7.59
CA PRO B 482 10.21 -7.38 -7.01
C PRO B 482 9.57 -7.02 -5.65
N PRO B 483 10.34 -6.88 -4.58
CA PRO B 483 9.73 -6.52 -3.28
C PRO B 483 8.93 -5.22 -3.42
N VAL B 484 7.66 -5.25 -3.01
CA VAL B 484 6.79 -4.06 -3.12
C VAL B 484 6.99 -3.04 -2.01
N LYS B 485 7.39 -3.46 -0.83
CA LYS B 485 7.54 -2.52 0.28
C LYS B 485 8.41 -1.26 -0.01
N PRO B 486 9.58 -1.41 -0.61
CA PRO B 486 10.39 -0.22 -0.98
C PRO B 486 9.89 0.58 -2.18
N LEU B 487 8.93 0.01 -2.93
CA LEU B 487 8.40 0.65 -4.15
C LEU B 487 7.21 1.55 -3.84
N ARG B 488 6.90 2.44 -4.78
CA ARG B 488 5.73 3.29 -4.66
C ARG B 488 4.47 2.43 -4.66
N HIS B 489 3.53 2.78 -3.79
CA HIS B 489 2.15 2.28 -3.87
C HIS B 489 1.19 3.47 -4.20
C1 GAF C . -3.92 7.05 27.50
C2 GAF C . -3.08 7.70 28.62
F2 GAF C . -3.61 7.45 29.88
C3 GAF C . -3.03 9.20 28.38
O3 GAF C . -2.25 9.79 29.40
C4 GAF C . -2.47 9.52 26.98
O4 GAF C . -1.16 9.01 26.95
C5 GAF C . -3.36 8.80 25.95
O5 GAF C . -3.39 7.39 26.23
C6 GAF C . -2.92 8.99 24.48
O6 GAF C . -1.93 8.01 24.20
C1 GAF D . 5.04 -4.68 -28.35
C2 GAF D . 5.04 -3.83 -29.63
F2 GAF D . 5.15 -4.70 -30.71
C3 GAF D . 6.21 -2.86 -29.63
O3 GAF D . 6.27 -2.12 -30.86
C4 GAF D . 6.23 -2.00 -28.35
O4 GAF D . 5.07 -1.19 -28.39
C5 GAF D . 6.18 -2.96 -27.13
O5 GAF D . 5.06 -3.88 -27.20
C6 GAF D . 6.07 -2.26 -25.78
O6 GAF D . 4.82 -1.62 -25.73
C ACT E . 11.43 -26.27 -14.63
O ACT E . 12.44 -26.57 -13.96
OXT ACT E . 11.51 -25.72 -15.75
CH3 ACT E . 10.09 -26.60 -14.06
#